data_1HFI
# 
_entry.id   1HFI 
# 
_audit_conform.dict_name       mmcif_pdbx.dic 
_audit_conform.dict_version    5.399 
_audit_conform.dict_location   http://mmcif.pdb.org/dictionaries/ascii/mmcif_pdbx.dic 
# 
loop_
_database_2.database_id 
_database_2.database_code 
_database_2.pdbx_database_accession 
_database_2.pdbx_DOI 
PDB   1HFI         pdb_00001hfi 10.2210/pdb1hfi/pdb 
WWPDB D_1000173827 ?            ?                   
# 
loop_
_pdbx_audit_revision_history.ordinal 
_pdbx_audit_revision_history.data_content_type 
_pdbx_audit_revision_history.major_revision 
_pdbx_audit_revision_history.minor_revision 
_pdbx_audit_revision_history.revision_date 
1 'Structure model' 1 0 1993-07-15 
2 'Structure model' 1 1 2008-03-24 
3 'Structure model' 1 2 2011-07-13 
4 'Structure model' 1 3 2022-02-23 
5 'Structure model' 1 4 2024-11-20 
# 
_pdbx_audit_revision_details.ordinal             1 
_pdbx_audit_revision_details.revision_ordinal    1 
_pdbx_audit_revision_details.data_content_type   'Structure model' 
_pdbx_audit_revision_details.provider            repository 
_pdbx_audit_revision_details.type                'Initial release' 
_pdbx_audit_revision_details.description         ? 
_pdbx_audit_revision_details.details             ? 
# 
loop_
_pdbx_audit_revision_group.ordinal 
_pdbx_audit_revision_group.revision_ordinal 
_pdbx_audit_revision_group.data_content_type 
_pdbx_audit_revision_group.group 
1 2 'Structure model' 'Version format compliance' 
2 3 'Structure model' 'Version format compliance' 
3 4 'Structure model' 'Database references'       
4 4 'Structure model' 'Derived calculations'      
5 4 'Structure model' Other                       
6 5 'Structure model' 'Data collection'           
7 5 'Structure model' 'Structure summary'         
# 
loop_
_pdbx_audit_revision_category.ordinal 
_pdbx_audit_revision_category.revision_ordinal 
_pdbx_audit_revision_category.data_content_type 
_pdbx_audit_revision_category.category 
1 4 'Structure model' database_2                
2 4 'Structure model' pdbx_database_status      
3 4 'Structure model' pdbx_struct_assembly      
4 4 'Structure model' pdbx_struct_oper_list     
5 5 'Structure model' chem_comp_atom            
6 5 'Structure model' chem_comp_bond            
7 5 'Structure model' pdbx_entry_details        
8 5 'Structure model' pdbx_modification_feature 
# 
loop_
_pdbx_audit_revision_item.ordinal 
_pdbx_audit_revision_item.revision_ordinal 
_pdbx_audit_revision_item.data_content_type 
_pdbx_audit_revision_item.item 
1 4 'Structure model' '_database_2.pdbx_DOI'                
2 4 'Structure model' '_database_2.pdbx_database_accession' 
3 4 'Structure model' '_pdbx_database_status.process_site'  
# 
_pdbx_database_status.status_code                     REL 
_pdbx_database_status.entry_id                        1HFI 
_pdbx_database_status.recvd_initial_deposition_date   1993-02-23 
_pdbx_database_status.deposit_site                    ? 
_pdbx_database_status.process_site                    BNL 
_pdbx_database_status.SG_entry                        . 
_pdbx_database_status.pdb_format_compatible           Y 
_pdbx_database_status.status_code_mr                  ? 
_pdbx_database_status.status_code_sf                  ? 
_pdbx_database_status.status_code_cs                  ? 
_pdbx_database_status.status_code_nmr_data            ? 
_pdbx_database_status.methods_development_category    ? 
# 
loop_
_audit_author.name 
_audit_author.pdbx_ordinal 
'Barlow, P.N.'      1 
'Steinkasserer, A.' 2 
'Norman, D.G.'      3 
'Kieffer, B.'       4 
'Wiles, A.P.'       5 
'Sim, R.B.'         6 
'Campbell, I.D.'    7 
# 
_citation.id                        primary 
_citation.title                     'Solution structure of a pair of complement modules by nuclear magnetic resonance.' 
_citation.journal_abbrev            J.Mol.Biol. 
_citation.journal_volume            232 
_citation.page_first                268 
_citation.page_last                 284 
_citation.year                      1993 
_citation.journal_id_ASTM           JMOBAK 
_citation.country                   UK 
_citation.journal_id_ISSN           0022-2836 
_citation.journal_id_CSD            0070 
_citation.book_publisher            ? 
_citation.pdbx_database_id_PubMed   8331663 
_citation.pdbx_database_id_DOI      10.1006/jmbi.1993.1381 
# 
loop_
_citation_author.citation_id 
_citation_author.name 
_citation_author.ordinal 
_citation_author.identifier_ORCID 
primary 'Barlow, P.N.'      1 ? 
primary 'Steinkasserer, A.' 2 ? 
primary 'Norman, D.G.'      3 ? 
primary 'Kieffer, B.'       4 ? 
primary 'Wiles, A.P.'       5 ? 
primary 'Sim, R.B.'         6 ? 
primary 'Campbell, I.D.'    7 ? 
# 
_entity.id                         1 
_entity.type                       polymer 
_entity.src_method                 man 
_entity.pdbx_description           'FACTOR H, 15TH C-MODULE PAIR' 
_entity.formula_weight             6920.535 
_entity.pdbx_number_of_molecules   1 
_entity.pdbx_ec                    ? 
_entity.pdbx_mutation              ? 
_entity.pdbx_fragment              ? 
_entity.details                    ? 
# 
_entity_poly.entity_id                      1 
_entity_poly.type                           'polypeptide(L)' 
_entity_poly.nstd_linkage                   no 
_entity_poly.nstd_monomer                   no 
_entity_poly.pdbx_seq_one_letter_code       EKIPCSQPPQIEHGTINSSRSSQESYAHGTKLSYTCEGGFRISEENETTCYMGKWSSPPQCE 
_entity_poly.pdbx_seq_one_letter_code_can   EKIPCSQPPQIEHGTINSSRSSQESYAHGTKLSYTCEGGFRISEENETTCYMGKWSSPPQCE 
_entity_poly.pdbx_strand_id                 A 
_entity_poly.pdbx_target_identifier         ? 
# 
loop_
_entity_poly_seq.entity_id 
_entity_poly_seq.num 
_entity_poly_seq.mon_id 
_entity_poly_seq.hetero 
1 1  GLU n 
1 2  LYS n 
1 3  ILE n 
1 4  PRO n 
1 5  CYS n 
1 6  SER n 
1 7  GLN n 
1 8  PRO n 
1 9  PRO n 
1 10 GLN n 
1 11 ILE n 
1 12 GLU n 
1 13 HIS n 
1 14 GLY n 
1 15 THR n 
1 16 ILE n 
1 17 ASN n 
1 18 SER n 
1 19 SER n 
1 20 ARG n 
1 21 SER n 
1 22 SER n 
1 23 GLN n 
1 24 GLU n 
1 25 SER n 
1 26 TYR n 
1 27 ALA n 
1 28 HIS n 
1 29 GLY n 
1 30 THR n 
1 31 LYS n 
1 32 LEU n 
1 33 SER n 
1 34 TYR n 
1 35 THR n 
1 36 CYS n 
1 37 GLU n 
1 38 GLY n 
1 39 GLY n 
1 40 PHE n 
1 41 ARG n 
1 42 ILE n 
1 43 SER n 
1 44 GLU n 
1 45 GLU n 
1 46 ASN n 
1 47 GLU n 
1 48 THR n 
1 49 THR n 
1 50 CYS n 
1 51 TYR n 
1 52 MET n 
1 53 GLY n 
1 54 LYS n 
1 55 TRP n 
1 56 SER n 
1 57 SER n 
1 58 PRO n 
1 59 PRO n 
1 60 GLN n 
1 61 CYS n 
1 62 GLU n 
# 
_entity_src_gen.entity_id                          1 
_entity_src_gen.pdbx_src_id                        1 
_entity_src_gen.pdbx_alt_source_flag               sample 
_entity_src_gen.pdbx_seq_type                      ? 
_entity_src_gen.pdbx_beg_seq_num                   ? 
_entity_src_gen.pdbx_end_seq_num                   ? 
_entity_src_gen.gene_src_common_name               human 
_entity_src_gen.gene_src_genus                     Homo 
_entity_src_gen.pdbx_gene_src_gene                 ? 
_entity_src_gen.gene_src_species                   ? 
_entity_src_gen.gene_src_strain                    ? 
_entity_src_gen.gene_src_tissue                    ? 
_entity_src_gen.gene_src_tissue_fraction           ? 
_entity_src_gen.gene_src_details                   ? 
_entity_src_gen.pdbx_gene_src_fragment             ? 
_entity_src_gen.pdbx_gene_src_scientific_name      'Homo sapiens' 
_entity_src_gen.pdbx_gene_src_ncbi_taxonomy_id     9606 
_entity_src_gen.pdbx_gene_src_variant              ? 
_entity_src_gen.pdbx_gene_src_cell_line            ? 
_entity_src_gen.pdbx_gene_src_atcc                 ? 
_entity_src_gen.pdbx_gene_src_organ                ? 
_entity_src_gen.pdbx_gene_src_organelle            ? 
_entity_src_gen.pdbx_gene_src_cell                 ? 
_entity_src_gen.pdbx_gene_src_cellular_location    ? 
_entity_src_gen.host_org_common_name               ? 
_entity_src_gen.pdbx_host_org_scientific_name      ? 
_entity_src_gen.pdbx_host_org_ncbi_taxonomy_id     ? 
_entity_src_gen.host_org_genus                     ? 
_entity_src_gen.pdbx_host_org_gene                 ? 
_entity_src_gen.pdbx_host_org_organ                ? 
_entity_src_gen.host_org_species                   ? 
_entity_src_gen.pdbx_host_org_tissue               ? 
_entity_src_gen.pdbx_host_org_tissue_fraction      ? 
_entity_src_gen.pdbx_host_org_strain               ? 
_entity_src_gen.pdbx_host_org_variant              ? 
_entity_src_gen.pdbx_host_org_cell_line            ? 
_entity_src_gen.pdbx_host_org_atcc                 ? 
_entity_src_gen.pdbx_host_org_culture_collection   ? 
_entity_src_gen.pdbx_host_org_cell                 ? 
_entity_src_gen.pdbx_host_org_organelle            ? 
_entity_src_gen.pdbx_host_org_cellular_location    ? 
_entity_src_gen.pdbx_host_org_vector_type          ? 
_entity_src_gen.pdbx_host_org_vector               ? 
_entity_src_gen.host_org_details                   ? 
_entity_src_gen.expression_system_id               ? 
_entity_src_gen.plasmid_name                       ? 
_entity_src_gen.plasmid_details                    ? 
_entity_src_gen.pdbx_description                   ? 
# 
loop_
_chem_comp.id 
_chem_comp.type 
_chem_comp.mon_nstd_flag 
_chem_comp.name 
_chem_comp.pdbx_synonyms 
_chem_comp.formula 
_chem_comp.formula_weight 
ALA 'L-peptide linking' y ALANINE         ? 'C3 H7 N O2'     89.093  
ARG 'L-peptide linking' y ARGININE        ? 'C6 H15 N4 O2 1' 175.209 
ASN 'L-peptide linking' y ASPARAGINE      ? 'C4 H8 N2 O3'    132.118 
CYS 'L-peptide linking' y CYSTEINE        ? 'C3 H7 N O2 S'   121.158 
GLN 'L-peptide linking' y GLUTAMINE       ? 'C5 H10 N2 O3'   146.144 
GLU 'L-peptide linking' y 'GLUTAMIC ACID' ? 'C5 H9 N O4'     147.129 
GLY 'peptide linking'   y GLYCINE         ? 'C2 H5 N O2'     75.067  
HIS 'L-peptide linking' y HISTIDINE       ? 'C6 H10 N3 O2 1' 156.162 
ILE 'L-peptide linking' y ISOLEUCINE      ? 'C6 H13 N O2'    131.173 
LEU 'L-peptide linking' y LEUCINE         ? 'C6 H13 N O2'    131.173 
LYS 'L-peptide linking' y LYSINE          ? 'C6 H15 N2 O2 1' 147.195 
MET 'L-peptide linking' y METHIONINE      ? 'C5 H11 N O2 S'  149.211 
PHE 'L-peptide linking' y PHENYLALANINE   ? 'C9 H11 N O2'    165.189 
PRO 'L-peptide linking' y PROLINE         ? 'C5 H9 N O2'     115.130 
SER 'L-peptide linking' y SERINE          ? 'C3 H7 N O3'     105.093 
THR 'L-peptide linking' y THREONINE       ? 'C4 H9 N O3'     119.119 
TRP 'L-peptide linking' y TRYPTOPHAN      ? 'C11 H12 N2 O2'  204.225 
TYR 'L-peptide linking' y TYROSINE        ? 'C9 H11 N O3'    181.189 
# 
loop_
_pdbx_poly_seq_scheme.asym_id 
_pdbx_poly_seq_scheme.entity_id 
_pdbx_poly_seq_scheme.seq_id 
_pdbx_poly_seq_scheme.mon_id 
_pdbx_poly_seq_scheme.ndb_seq_num 
_pdbx_poly_seq_scheme.pdb_seq_num 
_pdbx_poly_seq_scheme.auth_seq_num 
_pdbx_poly_seq_scheme.pdb_mon_id 
_pdbx_poly_seq_scheme.auth_mon_id 
_pdbx_poly_seq_scheme.pdb_strand_id 
_pdbx_poly_seq_scheme.pdb_ins_code 
_pdbx_poly_seq_scheme.hetero 
A 1 1  GLU 1  1  1  GLU GLU A . n 
A 1 2  LYS 2  2  2  LYS LYS A . n 
A 1 3  ILE 3  3  3  ILE ILE A . n 
A 1 4  PRO 4  4  4  PRO PRO A . n 
A 1 5  CYS 5  5  5  CYS CYS A . n 
A 1 6  SER 6  6  6  SER SER A . n 
A 1 7  GLN 7  7  7  GLN GLN A . n 
A 1 8  PRO 8  8  8  PRO PRO A . n 
A 1 9  PRO 9  9  9  PRO PRO A . n 
A 1 10 GLN 10 10 10 GLN GLN A . n 
A 1 11 ILE 11 11 11 ILE ILE A . n 
A 1 12 GLU 12 12 12 GLU GLU A . n 
A 1 13 HIS 13 13 13 HIS HIS A . n 
A 1 14 GLY 14 14 14 GLY GLY A . n 
A 1 15 THR 15 15 15 THR THR A . n 
A 1 16 ILE 16 16 16 ILE ILE A . n 
A 1 17 ASN 17 17 17 ASN ASN A . n 
A 1 18 SER 18 18 18 SER SER A . n 
A 1 19 SER 19 19 19 SER SER A . n 
A 1 20 ARG 20 20 20 ARG ARG A . n 
A 1 21 SER 21 21 21 SER SER A . n 
A 1 22 SER 22 22 22 SER SER A . n 
A 1 23 GLN 23 23 23 GLN GLN A . n 
A 1 24 GLU 24 24 24 GLU GLU A . n 
A 1 25 SER 25 25 25 SER SER A . n 
A 1 26 TYR 26 26 26 TYR TYR A . n 
A 1 27 ALA 27 27 27 ALA ALA A . n 
A 1 28 HIS 28 28 28 HIS HIS A . n 
A 1 29 GLY 29 29 29 GLY GLY A . n 
A 1 30 THR 30 30 30 THR THR A . n 
A 1 31 LYS 31 31 31 LYS LYS A . n 
A 1 32 LEU 32 32 32 LEU LEU A . n 
A 1 33 SER 33 33 33 SER SER A . n 
A 1 34 TYR 34 34 34 TYR TYR A . n 
A 1 35 THR 35 35 35 THR THR A . n 
A 1 36 CYS 36 36 36 CYS CYS A . n 
A 1 37 GLU 37 37 37 GLU GLU A . n 
A 1 38 GLY 38 38 38 GLY GLY A . n 
A 1 39 GLY 39 39 39 GLY GLY A . n 
A 1 40 PHE 40 40 40 PHE PHE A . n 
A 1 41 ARG 41 41 41 ARG ARG A . n 
A 1 42 ILE 42 42 42 ILE ILE A . n 
A 1 43 SER 43 43 43 SER SER A . n 
A 1 44 GLU 44 44 44 GLU GLU A . n 
A 1 45 GLU 45 45 45 GLU GLU A . n 
A 1 46 ASN 46 46 46 ASN ASN A . n 
A 1 47 GLU 47 47 47 GLU GLU A . n 
A 1 48 THR 48 48 48 THR THR A . n 
A 1 49 THR 49 49 49 THR THR A . n 
A 1 50 CYS 50 50 50 CYS CYS A . n 
A 1 51 TYR 51 51 51 TYR TYR A . n 
A 1 52 MET 52 52 52 MET MET A . n 
A 1 53 GLY 53 53 53 GLY GLY A . n 
A 1 54 LYS 54 54 54 LYS LYS A . n 
A 1 55 TRP 55 55 55 TRP TRP A . n 
A 1 56 SER 56 56 56 SER SER A . n 
A 1 57 SER 57 57 57 SER SER A . n 
A 1 58 PRO 58 58 58 PRO PRO A . n 
A 1 59 PRO 59 59 59 PRO PRO A . n 
A 1 60 GLN 60 60 60 GLN GLN A . n 
A 1 61 CYS 61 61 61 CYS CYS A . n 
A 1 62 GLU 62 62 62 GLU GLU A . n 
# 
_cell.entry_id           1HFI 
_cell.length_a           1.000 
_cell.length_b           1.000 
_cell.length_c           1.000 
_cell.angle_alpha        90.00 
_cell.angle_beta         90.00 
_cell.angle_gamma        90.00 
_cell.Z_PDB              1 
_cell.pdbx_unique_axis   ? 
# 
_symmetry.entry_id                         1HFI 
_symmetry.space_group_name_H-M             'P 1' 
_symmetry.pdbx_full_space_group_name_H-M   ? 
_symmetry.cell_setting                     ? 
_symmetry.Int_Tables_number                1 
# 
_exptl.entry_id          1HFI 
_exptl.method            'SOLUTION NMR' 
_exptl.crystals_number   ? 
# 
_struct.entry_id                  1HFI 
_struct.title                     'SOLUTION STRUCTURE OF A PAIR OF COMPLEMENT MODULES BY NUCLEAR MAGNETIC RESONANCE' 
_struct.pdbx_model_details        ? 
_struct.pdbx_CASP_flag            ? 
_struct.pdbx_model_type_details   ? 
# 
_struct_keywords.entry_id        1HFI 
_struct_keywords.pdbx_keywords   GLYCOPROTEIN 
_struct_keywords.text            GLYCOPROTEIN 
# 
_struct_asym.id                            A 
_struct_asym.pdbx_blank_PDB_chainid_flag   Y 
_struct_asym.pdbx_modified                 N 
_struct_asym.entity_id                     1 
_struct_asym.details                       ? 
# 
_struct_ref.id                         1 
_struct_ref.db_name                    UNP 
_struct_ref.db_code                    CFAH_HUMAN 
_struct_ref.entity_id                  1 
_struct_ref.pdbx_db_accession          P08603 
_struct_ref.pdbx_align_begin           1 
_struct_ref.pdbx_seq_one_letter_code   
;MRLLAKIICLMLWAICVAEDCNELPPRRNTEILTGSWSDQTYPEGTQAIYKCRPGYRSLGNVIMVCRKGEWVALNPLRKC
QKRPCGHPGDTPFGTFTLTGGNVFEYGVKAVYTCNEGYQLLGEINYRECDTDGWTNDIPICEVVKCLPVTAPENGKIVSS
AMEPDREYHFGQAVRFVCNSGYKIEGDEEMHCSDDGFWSKEKPKCVEISCKSPDVINGSPISQKIIYKENERFQYKCNMG
YEYSERGDAVCTESGWRPLPSCEEKSCDNPYIPNGDYSPLRIKHRTGDEITYQCRNGFYPATRGNTAKCTSTGWIPAPRC
TLKPCDYPDIKHGGLYHENMRRPYFPVAVGKYYSYYCDEHFETPSGSYWDHIHCTQDGWSPAVPCLRKCYFPYLENGYNQ
NHGRKFVQGKSIDVACHPGYALPKAQTTVTCMENGWSPTPRCIRVKTCSKSSIDIENGFISESQYTYALKEKAKYQCKLG
YVTADGETSGSIRCGKDGWSAQPTCIKSCDIPVFMNARTKNDFTWFKLNDTLDYECHDGYESNTGSTTGSIVCGYNGWSD
LPICYERECELPKIDVHLVPDRKKDQYKVGEVLKFSCKPGFTIVGPNSVQCYHFGLSPDLPICKEQVQSCGPPPELLNGN
VKEKTKEEYGHSEVVEYYCNPRFLMKGPNKIQCVDGEWTTLPVCIVEESTCGDIPELEHGWAQLSSPPYYYGDSVEFNCS
ESFTMIGHRSITCIHGVWTQLPQCVAIDKLKKCKSSNLIILEEHLKNKKEFDHNSNIRYRCRGKEGWIHTVCINGRWDPE
VNCSMAQIQLCPPPPQIPNSHNMTTTLNYRDGEKVSVLCQENYLIQEGEEITCKDGRWQSIPLCVEKIPCSQPPQIEHGT
INSSRSSQESYAHGTKLSYTCEGGFRISEENETTCYMGKWSSPPQCEGLPCKSPPEISHGVVAHMSDSYQYGEEVTYKCF
EGFGIDGPAIAKCLGEKWSHPPSCIKTDCLSLPSFENAIPMGEKKDVYKAGEQVTYTCATYYKMDGASNVTCINSRWTGR
PTCRDTSCVNPPTVQNAYIVSRQMSKYPSGERVRYQCRSPYEMFGDEEVMCLNGNWTEPPQCKDSTGKCGPPPPIDNGDI
TSFPLSVYAPASSVEYQCQNLYQLEGNKRITCRNGQWSEPPKCLHPCVISREIMENYNIALRWTAKQKLYSRTGESVEFV
CKRGYRLSSRSHTLRTTCWDGKLEYPTCAKR
;
_struct_ref.pdbx_db_isoform            ? 
# 
_struct_ref_seq.align_id                      1 
_struct_ref_seq.ref_id                        1 
_struct_ref_seq.pdbx_PDB_id_code              1HFI 
_struct_ref_seq.pdbx_strand_id                A 
_struct_ref_seq.seq_align_beg                 1 
_struct_ref_seq.pdbx_seq_align_beg_ins_code   ? 
_struct_ref_seq.seq_align_end                 62 
_struct_ref_seq.pdbx_seq_align_end_ins_code   ? 
_struct_ref_seq.pdbx_db_accession             P08603 
_struct_ref_seq.db_align_beg                  866 
_struct_ref_seq.pdbx_db_align_beg_ins_code    ? 
_struct_ref_seq.db_align_end                  927 
_struct_ref_seq.pdbx_db_align_end_ins_code    ? 
_struct_ref_seq.pdbx_auth_seq_align_beg       1 
_struct_ref_seq.pdbx_auth_seq_align_end       62 
# 
_pdbx_struct_assembly.id                   1 
_pdbx_struct_assembly.details              author_defined_assembly 
_pdbx_struct_assembly.method_details       ? 
_pdbx_struct_assembly.oligomeric_details   monomeric 
_pdbx_struct_assembly.oligomeric_count     1 
# 
_pdbx_struct_assembly_gen.assembly_id       1 
_pdbx_struct_assembly_gen.oper_expression   1 
_pdbx_struct_assembly_gen.asym_id_list      A 
# 
_pdbx_struct_oper_list.id                   1 
_pdbx_struct_oper_list.type                 'identity operation' 
_pdbx_struct_oper_list.name                 1_555 
_pdbx_struct_oper_list.symmetry_operation   x,y,z 
_pdbx_struct_oper_list.matrix[1][1]         1.0000000000 
_pdbx_struct_oper_list.matrix[1][2]         0.0000000000 
_pdbx_struct_oper_list.matrix[1][3]         0.0000000000 
_pdbx_struct_oper_list.vector[1]            0.0000000000 
_pdbx_struct_oper_list.matrix[2][1]         0.0000000000 
_pdbx_struct_oper_list.matrix[2][2]         1.0000000000 
_pdbx_struct_oper_list.matrix[2][3]         0.0000000000 
_pdbx_struct_oper_list.vector[2]            0.0000000000 
_pdbx_struct_oper_list.matrix[3][1]         0.0000000000 
_pdbx_struct_oper_list.matrix[3][2]         0.0000000000 
_pdbx_struct_oper_list.matrix[3][3]         1.0000000000 
_pdbx_struct_oper_list.vector[3]            0.0000000000 
# 
_struct_biol.id   1 
# 
loop_
_struct_conn.id 
_struct_conn.conn_type_id 
_struct_conn.pdbx_leaving_atom_flag 
_struct_conn.pdbx_PDB_id 
_struct_conn.ptnr1_label_asym_id 
_struct_conn.ptnr1_label_comp_id 
_struct_conn.ptnr1_label_seq_id 
_struct_conn.ptnr1_label_atom_id 
_struct_conn.pdbx_ptnr1_label_alt_id 
_struct_conn.pdbx_ptnr1_PDB_ins_code 
_struct_conn.pdbx_ptnr1_standard_comp_id 
_struct_conn.ptnr1_symmetry 
_struct_conn.ptnr2_label_asym_id 
_struct_conn.ptnr2_label_comp_id 
_struct_conn.ptnr2_label_seq_id 
_struct_conn.ptnr2_label_atom_id 
_struct_conn.pdbx_ptnr2_label_alt_id 
_struct_conn.pdbx_ptnr2_PDB_ins_code 
_struct_conn.ptnr1_auth_asym_id 
_struct_conn.ptnr1_auth_comp_id 
_struct_conn.ptnr1_auth_seq_id 
_struct_conn.ptnr2_auth_asym_id 
_struct_conn.ptnr2_auth_comp_id 
_struct_conn.ptnr2_auth_seq_id 
_struct_conn.ptnr2_symmetry 
_struct_conn.pdbx_ptnr3_label_atom_id 
_struct_conn.pdbx_ptnr3_label_seq_id 
_struct_conn.pdbx_ptnr3_label_comp_id 
_struct_conn.pdbx_ptnr3_label_asym_id 
_struct_conn.pdbx_ptnr3_label_alt_id 
_struct_conn.pdbx_ptnr3_PDB_ins_code 
_struct_conn.details 
_struct_conn.pdbx_dist_value 
_struct_conn.pdbx_value_order 
_struct_conn.pdbx_role 
disulf1 disulf ? ? A CYS 5  SG ? ? ? 1_555 A CYS 50 SG ? ? A CYS 5  A CYS 50 1_555 ? ? ? ? ? ? ? 2.017 ? ? 
disulf2 disulf ? ? A CYS 36 SG ? ? ? 1_555 A CYS 61 SG ? ? A CYS 36 A CYS 61 1_555 ? ? ? ? ? ? ? 2.017 ? ? 
# 
_struct_conn_type.id          disulf 
_struct_conn_type.criteria    ? 
_struct_conn_type.reference   ? 
# 
loop_
_pdbx_modification_feature.ordinal 
_pdbx_modification_feature.label_comp_id 
_pdbx_modification_feature.label_asym_id 
_pdbx_modification_feature.label_seq_id 
_pdbx_modification_feature.label_alt_id 
_pdbx_modification_feature.modified_residue_label_comp_id 
_pdbx_modification_feature.modified_residue_label_asym_id 
_pdbx_modification_feature.modified_residue_label_seq_id 
_pdbx_modification_feature.modified_residue_label_alt_id 
_pdbx_modification_feature.auth_comp_id 
_pdbx_modification_feature.auth_asym_id 
_pdbx_modification_feature.auth_seq_id 
_pdbx_modification_feature.PDB_ins_code 
_pdbx_modification_feature.symmetry 
_pdbx_modification_feature.modified_residue_auth_comp_id 
_pdbx_modification_feature.modified_residue_auth_asym_id 
_pdbx_modification_feature.modified_residue_auth_seq_id 
_pdbx_modification_feature.modified_residue_PDB_ins_code 
_pdbx_modification_feature.modified_residue_symmetry 
_pdbx_modification_feature.comp_id_linking_atom 
_pdbx_modification_feature.modified_residue_id_linking_atom 
_pdbx_modification_feature.modified_residue_id 
_pdbx_modification_feature.ref_pcm_id 
_pdbx_modification_feature.ref_comp_id 
_pdbx_modification_feature.type 
_pdbx_modification_feature.category 
1 CYS A 5  ? CYS A 50 ? CYS A 5  ? 1_555 CYS A 50 ? 1_555 SG SG . . . None 'Disulfide bridge' 
2 CYS A 36 ? CYS A 61 ? CYS A 36 ? 1_555 CYS A 61 ? 1_555 SG SG . . . None 'Disulfide bridge' 
# 
loop_
_struct_sheet.id 
_struct_sheet.type 
_struct_sheet.number_strands 
_struct_sheet.details 
A ? 2 ? 
B ? 4 ? 
# 
loop_
_struct_sheet_order.sheet_id 
_struct_sheet_order.range_id_1 
_struct_sheet_order.range_id_2 
_struct_sheet_order.offset 
_struct_sheet_order.sense 
A 1 2 ? anti-parallel 
B 1 2 ? anti-parallel 
B 2 3 ? anti-parallel 
B 3 4 ? anti-parallel 
# 
loop_
_struct_sheet_range.sheet_id 
_struct_sheet_range.id 
_struct_sheet_range.beg_label_comp_id 
_struct_sheet_range.beg_label_asym_id 
_struct_sheet_range.beg_label_seq_id 
_struct_sheet_range.pdbx_beg_PDB_ins_code 
_struct_sheet_range.end_label_comp_id 
_struct_sheet_range.end_label_asym_id 
_struct_sheet_range.end_label_seq_id 
_struct_sheet_range.pdbx_end_PDB_ins_code 
_struct_sheet_range.beg_auth_comp_id 
_struct_sheet_range.beg_auth_asym_id 
_struct_sheet_range.beg_auth_seq_id 
_struct_sheet_range.end_auth_comp_id 
_struct_sheet_range.end_auth_asym_id 
_struct_sheet_range.end_auth_seq_id 
A 1 CYS A 5  ? SER A 6  ? CYS A 5  SER A 6  
A 2 SER A 25 ? TYR A 26 ? SER A 25 TYR A 26 
B 1 THR A 15 ? ILE A 16 ? THR A 15 ILE A 16 
B 2 LYS A 31 ? THR A 35 ? LYS A 31 THR A 35 
B 3 GLU A 47 ? TYR A 51 ? GLU A 47 TYR A 51 
B 4 LYS A 54 ? TRP A 55 ? LYS A 54 TRP A 55 
# 
loop_
_pdbx_struct_sheet_hbond.sheet_id 
_pdbx_struct_sheet_hbond.range_id_1 
_pdbx_struct_sheet_hbond.range_id_2 
_pdbx_struct_sheet_hbond.range_1_label_atom_id 
_pdbx_struct_sheet_hbond.range_1_label_comp_id 
_pdbx_struct_sheet_hbond.range_1_label_asym_id 
_pdbx_struct_sheet_hbond.range_1_label_seq_id 
_pdbx_struct_sheet_hbond.range_1_PDB_ins_code 
_pdbx_struct_sheet_hbond.range_1_auth_atom_id 
_pdbx_struct_sheet_hbond.range_1_auth_comp_id 
_pdbx_struct_sheet_hbond.range_1_auth_asym_id 
_pdbx_struct_sheet_hbond.range_1_auth_seq_id 
_pdbx_struct_sheet_hbond.range_2_label_atom_id 
_pdbx_struct_sheet_hbond.range_2_label_comp_id 
_pdbx_struct_sheet_hbond.range_2_label_asym_id 
_pdbx_struct_sheet_hbond.range_2_label_seq_id 
_pdbx_struct_sheet_hbond.range_2_PDB_ins_code 
_pdbx_struct_sheet_hbond.range_2_auth_atom_id 
_pdbx_struct_sheet_hbond.range_2_auth_comp_id 
_pdbx_struct_sheet_hbond.range_2_auth_asym_id 
_pdbx_struct_sheet_hbond.range_2_auth_seq_id 
A 1 2 O CYS A 5  ? O CYS A 5  N TYR A 26 ? N TYR A 26 
B 1 2 O THR A 15 ? O THR A 15 N THR A 35 ? N THR A 35 
B 2 3 O LEU A 32 ? O LEU A 32 N THR A 48 ? N THR A 48 
B 3 4 O TYR A 51 ? O TYR A 51 N LYS A 54 ? N LYS A 54 
# 
_pdbx_entry_details.entry_id                   1HFI 
_pdbx_entry_details.compound_details           ? 
_pdbx_entry_details.source_details             ? 
_pdbx_entry_details.nonpolymer_details         ? 
_pdbx_entry_details.sequence_details           ? 
_pdbx_entry_details.has_ligand_of_interest     ? 
_pdbx_entry_details.has_protein_modification   Y 
# 
loop_
_pdbx_validate_rmsd_angle.id 
_pdbx_validate_rmsd_angle.PDB_model_num 
_pdbx_validate_rmsd_angle.auth_atom_id_1 
_pdbx_validate_rmsd_angle.auth_asym_id_1 
_pdbx_validate_rmsd_angle.auth_comp_id_1 
_pdbx_validate_rmsd_angle.auth_seq_id_1 
_pdbx_validate_rmsd_angle.PDB_ins_code_1 
_pdbx_validate_rmsd_angle.label_alt_id_1 
_pdbx_validate_rmsd_angle.auth_atom_id_2 
_pdbx_validate_rmsd_angle.auth_asym_id_2 
_pdbx_validate_rmsd_angle.auth_comp_id_2 
_pdbx_validate_rmsd_angle.auth_seq_id_2 
_pdbx_validate_rmsd_angle.PDB_ins_code_2 
_pdbx_validate_rmsd_angle.label_alt_id_2 
_pdbx_validate_rmsd_angle.auth_atom_id_3 
_pdbx_validate_rmsd_angle.auth_asym_id_3 
_pdbx_validate_rmsd_angle.auth_comp_id_3 
_pdbx_validate_rmsd_angle.auth_seq_id_3 
_pdbx_validate_rmsd_angle.PDB_ins_code_3 
_pdbx_validate_rmsd_angle.label_alt_id_3 
_pdbx_validate_rmsd_angle.angle_value 
_pdbx_validate_rmsd_angle.angle_target_value 
_pdbx_validate_rmsd_angle.angle_deviation 
_pdbx_validate_rmsd_angle.angle_standard_deviation 
_pdbx_validate_rmsd_angle.linker_flag 
1 1 CG  A TRP 55 ? ? CD1 A TRP 55 ? ? NE1 A TRP 55 ? ? 103.01 110.10 -7.09 1.00 N 
2 1 CD1 A TRP 55 ? ? NE1 A TRP 55 ? ? CE2 A TRP 55 ? ? 116.81 109.00 7.81  0.90 N 
3 1 NE1 A TRP 55 ? ? CE2 A TRP 55 ? ? CZ2 A TRP 55 ? ? 137.31 130.40 6.91  1.10 N 
# 
loop_
_pdbx_validate_torsion.id 
_pdbx_validate_torsion.PDB_model_num 
_pdbx_validate_torsion.auth_comp_id 
_pdbx_validate_torsion.auth_asym_id 
_pdbx_validate_torsion.auth_seq_id 
_pdbx_validate_torsion.PDB_ins_code 
_pdbx_validate_torsion.label_alt_id 
_pdbx_validate_torsion.phi 
_pdbx_validate_torsion.psi 
1  1 GLN A 7  ? ? -33.53  132.56 
2  1 GLU A 12 ? ? -5.99   116.73 
3  1 HIS A 13 ? ? 86.00   -45.16 
4  1 SER A 19 ? ? 140.25  50.52  
5  1 ARG A 20 ? ? 36.47   -75.00 
6  1 SER A 22 ? ? -121.89 -58.07 
7  1 THR A 30 ? ? -33.16  134.71 
8  1 GLU A 44 ? ? -34.34  147.75 
9  1 GLU A 45 ? ? 32.60   99.07  
10 1 MET A 52 ? ? 21.28   74.91  
11 1 SER A 57 ? ? -23.98  87.30  
# 
loop_
_pdbx_validate_planes.id 
_pdbx_validate_planes.PDB_model_num 
_pdbx_validate_planes.auth_comp_id 
_pdbx_validate_planes.auth_asym_id 
_pdbx_validate_planes.auth_seq_id 
_pdbx_validate_planes.PDB_ins_code 
_pdbx_validate_planes.label_alt_id 
_pdbx_validate_planes.rmsd 
_pdbx_validate_planes.type 
1 1 ARG A 20 ? ? 0.161 'SIDE CHAIN' 
2 1 ARG A 41 ? ? 0.151 'SIDE CHAIN' 
# 
_pdbx_nmr_ensemble.entry_id                             1HFI 
_pdbx_nmr_ensemble.conformers_calculated_total_number   ? 
_pdbx_nmr_ensemble.conformers_submitted_total_number    1 
_pdbx_nmr_ensemble.conformer_selection_criteria         ? 
# 
loop_
_chem_comp_atom.comp_id 
_chem_comp_atom.atom_id 
_chem_comp_atom.type_symbol 
_chem_comp_atom.pdbx_aromatic_flag 
_chem_comp_atom.pdbx_stereo_config 
_chem_comp_atom.pdbx_ordinal 
ALA N    N N N 1   
ALA CA   C N S 2   
ALA C    C N N 3   
ALA O    O N N 4   
ALA CB   C N N 5   
ALA OXT  O N N 6   
ALA H    H N N 7   
ALA H2   H N N 8   
ALA HA   H N N 9   
ALA HB1  H N N 10  
ALA HB2  H N N 11  
ALA HB3  H N N 12  
ALA HXT  H N N 13  
ARG N    N N N 14  
ARG CA   C N S 15  
ARG C    C N N 16  
ARG O    O N N 17  
ARG CB   C N N 18  
ARG CG   C N N 19  
ARG CD   C N N 20  
ARG NE   N N N 21  
ARG CZ   C N N 22  
ARG NH1  N N N 23  
ARG NH2  N N N 24  
ARG OXT  O N N 25  
ARG H    H N N 26  
ARG H2   H N N 27  
ARG HA   H N N 28  
ARG HB2  H N N 29  
ARG HB3  H N N 30  
ARG HG2  H N N 31  
ARG HG3  H N N 32  
ARG HD2  H N N 33  
ARG HD3  H N N 34  
ARG HE   H N N 35  
ARG HH11 H N N 36  
ARG HH12 H N N 37  
ARG HH21 H N N 38  
ARG HH22 H N N 39  
ARG HXT  H N N 40  
ASN N    N N N 41  
ASN CA   C N S 42  
ASN C    C N N 43  
ASN O    O N N 44  
ASN CB   C N N 45  
ASN CG   C N N 46  
ASN OD1  O N N 47  
ASN ND2  N N N 48  
ASN OXT  O N N 49  
ASN H    H N N 50  
ASN H2   H N N 51  
ASN HA   H N N 52  
ASN HB2  H N N 53  
ASN HB3  H N N 54  
ASN HD21 H N N 55  
ASN HD22 H N N 56  
ASN HXT  H N N 57  
CYS N    N N N 58  
CYS CA   C N R 59  
CYS C    C N N 60  
CYS O    O N N 61  
CYS CB   C N N 62  
CYS SG   S N N 63  
CYS OXT  O N N 64  
CYS H    H N N 65  
CYS H2   H N N 66  
CYS HA   H N N 67  
CYS HB2  H N N 68  
CYS HB3  H N N 69  
CYS HG   H N N 70  
CYS HXT  H N N 71  
GLN N    N N N 72  
GLN CA   C N S 73  
GLN C    C N N 74  
GLN O    O N N 75  
GLN CB   C N N 76  
GLN CG   C N N 77  
GLN CD   C N N 78  
GLN OE1  O N N 79  
GLN NE2  N N N 80  
GLN OXT  O N N 81  
GLN H    H N N 82  
GLN H2   H N N 83  
GLN HA   H N N 84  
GLN HB2  H N N 85  
GLN HB3  H N N 86  
GLN HG2  H N N 87  
GLN HG3  H N N 88  
GLN HE21 H N N 89  
GLN HE22 H N N 90  
GLN HXT  H N N 91  
GLU N    N N N 92  
GLU CA   C N S 93  
GLU C    C N N 94  
GLU O    O N N 95  
GLU CB   C N N 96  
GLU CG   C N N 97  
GLU CD   C N N 98  
GLU OE1  O N N 99  
GLU OE2  O N N 100 
GLU OXT  O N N 101 
GLU H    H N N 102 
GLU H2   H N N 103 
GLU HA   H N N 104 
GLU HB2  H N N 105 
GLU HB3  H N N 106 
GLU HG2  H N N 107 
GLU HG3  H N N 108 
GLU HE2  H N N 109 
GLU HXT  H N N 110 
GLY N    N N N 111 
GLY CA   C N N 112 
GLY C    C N N 113 
GLY O    O N N 114 
GLY OXT  O N N 115 
GLY H    H N N 116 
GLY H2   H N N 117 
GLY HA2  H N N 118 
GLY HA3  H N N 119 
GLY HXT  H N N 120 
HIS N    N N N 121 
HIS CA   C N S 122 
HIS C    C N N 123 
HIS O    O N N 124 
HIS CB   C N N 125 
HIS CG   C Y N 126 
HIS ND1  N Y N 127 
HIS CD2  C Y N 128 
HIS CE1  C Y N 129 
HIS NE2  N Y N 130 
HIS OXT  O N N 131 
HIS H    H N N 132 
HIS H2   H N N 133 
HIS HA   H N N 134 
HIS HB2  H N N 135 
HIS HB3  H N N 136 
HIS HD1  H N N 137 
HIS HD2  H N N 138 
HIS HE1  H N N 139 
HIS HE2  H N N 140 
HIS HXT  H N N 141 
ILE N    N N N 142 
ILE CA   C N S 143 
ILE C    C N N 144 
ILE O    O N N 145 
ILE CB   C N S 146 
ILE CG1  C N N 147 
ILE CG2  C N N 148 
ILE CD1  C N N 149 
ILE OXT  O N N 150 
ILE H    H N N 151 
ILE H2   H N N 152 
ILE HA   H N N 153 
ILE HB   H N N 154 
ILE HG12 H N N 155 
ILE HG13 H N N 156 
ILE HG21 H N N 157 
ILE HG22 H N N 158 
ILE HG23 H N N 159 
ILE HD11 H N N 160 
ILE HD12 H N N 161 
ILE HD13 H N N 162 
ILE HXT  H N N 163 
LEU N    N N N 164 
LEU CA   C N S 165 
LEU C    C N N 166 
LEU O    O N N 167 
LEU CB   C N N 168 
LEU CG   C N N 169 
LEU CD1  C N N 170 
LEU CD2  C N N 171 
LEU OXT  O N N 172 
LEU H    H N N 173 
LEU H2   H N N 174 
LEU HA   H N N 175 
LEU HB2  H N N 176 
LEU HB3  H N N 177 
LEU HG   H N N 178 
LEU HD11 H N N 179 
LEU HD12 H N N 180 
LEU HD13 H N N 181 
LEU HD21 H N N 182 
LEU HD22 H N N 183 
LEU HD23 H N N 184 
LEU HXT  H N N 185 
LYS N    N N N 186 
LYS CA   C N S 187 
LYS C    C N N 188 
LYS O    O N N 189 
LYS CB   C N N 190 
LYS CG   C N N 191 
LYS CD   C N N 192 
LYS CE   C N N 193 
LYS NZ   N N N 194 
LYS OXT  O N N 195 
LYS H    H N N 196 
LYS H2   H N N 197 
LYS HA   H N N 198 
LYS HB2  H N N 199 
LYS HB3  H N N 200 
LYS HG2  H N N 201 
LYS HG3  H N N 202 
LYS HD2  H N N 203 
LYS HD3  H N N 204 
LYS HE2  H N N 205 
LYS HE3  H N N 206 
LYS HZ1  H N N 207 
LYS HZ2  H N N 208 
LYS HZ3  H N N 209 
LYS HXT  H N N 210 
MET N    N N N 211 
MET CA   C N S 212 
MET C    C N N 213 
MET O    O N N 214 
MET CB   C N N 215 
MET CG   C N N 216 
MET SD   S N N 217 
MET CE   C N N 218 
MET OXT  O N N 219 
MET H    H N N 220 
MET H2   H N N 221 
MET HA   H N N 222 
MET HB2  H N N 223 
MET HB3  H N N 224 
MET HG2  H N N 225 
MET HG3  H N N 226 
MET HE1  H N N 227 
MET HE2  H N N 228 
MET HE3  H N N 229 
MET HXT  H N N 230 
PHE N    N N N 231 
PHE CA   C N S 232 
PHE C    C N N 233 
PHE O    O N N 234 
PHE CB   C N N 235 
PHE CG   C Y N 236 
PHE CD1  C Y N 237 
PHE CD2  C Y N 238 
PHE CE1  C Y N 239 
PHE CE2  C Y N 240 
PHE CZ   C Y N 241 
PHE OXT  O N N 242 
PHE H    H N N 243 
PHE H2   H N N 244 
PHE HA   H N N 245 
PHE HB2  H N N 246 
PHE HB3  H N N 247 
PHE HD1  H N N 248 
PHE HD2  H N N 249 
PHE HE1  H N N 250 
PHE HE2  H N N 251 
PHE HZ   H N N 252 
PHE HXT  H N N 253 
PRO N    N N N 254 
PRO CA   C N S 255 
PRO C    C N N 256 
PRO O    O N N 257 
PRO CB   C N N 258 
PRO CG   C N N 259 
PRO CD   C N N 260 
PRO OXT  O N N 261 
PRO H    H N N 262 
PRO HA   H N N 263 
PRO HB2  H N N 264 
PRO HB3  H N N 265 
PRO HG2  H N N 266 
PRO HG3  H N N 267 
PRO HD2  H N N 268 
PRO HD3  H N N 269 
PRO HXT  H N N 270 
SER N    N N N 271 
SER CA   C N S 272 
SER C    C N N 273 
SER O    O N N 274 
SER CB   C N N 275 
SER OG   O N N 276 
SER OXT  O N N 277 
SER H    H N N 278 
SER H2   H N N 279 
SER HA   H N N 280 
SER HB2  H N N 281 
SER HB3  H N N 282 
SER HG   H N N 283 
SER HXT  H N N 284 
THR N    N N N 285 
THR CA   C N S 286 
THR C    C N N 287 
THR O    O N N 288 
THR CB   C N R 289 
THR OG1  O N N 290 
THR CG2  C N N 291 
THR OXT  O N N 292 
THR H    H N N 293 
THR H2   H N N 294 
THR HA   H N N 295 
THR HB   H N N 296 
THR HG1  H N N 297 
THR HG21 H N N 298 
THR HG22 H N N 299 
THR HG23 H N N 300 
THR HXT  H N N 301 
TRP N    N N N 302 
TRP CA   C N S 303 
TRP C    C N N 304 
TRP O    O N N 305 
TRP CB   C N N 306 
TRP CG   C Y N 307 
TRP CD1  C Y N 308 
TRP CD2  C Y N 309 
TRP NE1  N Y N 310 
TRP CE2  C Y N 311 
TRP CE3  C Y N 312 
TRP CZ2  C Y N 313 
TRP CZ3  C Y N 314 
TRP CH2  C Y N 315 
TRP OXT  O N N 316 
TRP H    H N N 317 
TRP H2   H N N 318 
TRP HA   H N N 319 
TRP HB2  H N N 320 
TRP HB3  H N N 321 
TRP HD1  H N N 322 
TRP HE1  H N N 323 
TRP HE3  H N N 324 
TRP HZ2  H N N 325 
TRP HZ3  H N N 326 
TRP HH2  H N N 327 
TRP HXT  H N N 328 
TYR N    N N N 329 
TYR CA   C N S 330 
TYR C    C N N 331 
TYR O    O N N 332 
TYR CB   C N N 333 
TYR CG   C Y N 334 
TYR CD1  C Y N 335 
TYR CD2  C Y N 336 
TYR CE1  C Y N 337 
TYR CE2  C Y N 338 
TYR CZ   C Y N 339 
TYR OH   O N N 340 
TYR OXT  O N N 341 
TYR H    H N N 342 
TYR H2   H N N 343 
TYR HA   H N N 344 
TYR HB2  H N N 345 
TYR HB3  H N N 346 
TYR HD1  H N N 347 
TYR HD2  H N N 348 
TYR HE1  H N N 349 
TYR HE2  H N N 350 
TYR HH   H N N 351 
TYR HXT  H N N 352 
# 
loop_
_chem_comp_bond.comp_id 
_chem_comp_bond.atom_id_1 
_chem_comp_bond.atom_id_2 
_chem_comp_bond.value_order 
_chem_comp_bond.pdbx_aromatic_flag 
_chem_comp_bond.pdbx_stereo_config 
_chem_comp_bond.pdbx_ordinal 
ALA N   CA   sing N N 1   
ALA N   H    sing N N 2   
ALA N   H2   sing N N 3   
ALA CA  C    sing N N 4   
ALA CA  CB   sing N N 5   
ALA CA  HA   sing N N 6   
ALA C   O    doub N N 7   
ALA C   OXT  sing N N 8   
ALA CB  HB1  sing N N 9   
ALA CB  HB2  sing N N 10  
ALA CB  HB3  sing N N 11  
ALA OXT HXT  sing N N 12  
ARG N   CA   sing N N 13  
ARG N   H    sing N N 14  
ARG N   H2   sing N N 15  
ARG CA  C    sing N N 16  
ARG CA  CB   sing N N 17  
ARG CA  HA   sing N N 18  
ARG C   O    doub N N 19  
ARG C   OXT  sing N N 20  
ARG CB  CG   sing N N 21  
ARG CB  HB2  sing N N 22  
ARG CB  HB3  sing N N 23  
ARG CG  CD   sing N N 24  
ARG CG  HG2  sing N N 25  
ARG CG  HG3  sing N N 26  
ARG CD  NE   sing N N 27  
ARG CD  HD2  sing N N 28  
ARG CD  HD3  sing N N 29  
ARG NE  CZ   sing N N 30  
ARG NE  HE   sing N N 31  
ARG CZ  NH1  sing N N 32  
ARG CZ  NH2  doub N N 33  
ARG NH1 HH11 sing N N 34  
ARG NH1 HH12 sing N N 35  
ARG NH2 HH21 sing N N 36  
ARG NH2 HH22 sing N N 37  
ARG OXT HXT  sing N N 38  
ASN N   CA   sing N N 39  
ASN N   H    sing N N 40  
ASN N   H2   sing N N 41  
ASN CA  C    sing N N 42  
ASN CA  CB   sing N N 43  
ASN CA  HA   sing N N 44  
ASN C   O    doub N N 45  
ASN C   OXT  sing N N 46  
ASN CB  CG   sing N N 47  
ASN CB  HB2  sing N N 48  
ASN CB  HB3  sing N N 49  
ASN CG  OD1  doub N N 50  
ASN CG  ND2  sing N N 51  
ASN ND2 HD21 sing N N 52  
ASN ND2 HD22 sing N N 53  
ASN OXT HXT  sing N N 54  
CYS N   CA   sing N N 55  
CYS N   H    sing N N 56  
CYS N   H2   sing N N 57  
CYS CA  C    sing N N 58  
CYS CA  CB   sing N N 59  
CYS CA  HA   sing N N 60  
CYS C   O    doub N N 61  
CYS C   OXT  sing N N 62  
CYS CB  SG   sing N N 63  
CYS CB  HB2  sing N N 64  
CYS CB  HB3  sing N N 65  
CYS SG  HG   sing N N 66  
CYS OXT HXT  sing N N 67  
GLN N   CA   sing N N 68  
GLN N   H    sing N N 69  
GLN N   H2   sing N N 70  
GLN CA  C    sing N N 71  
GLN CA  CB   sing N N 72  
GLN CA  HA   sing N N 73  
GLN C   O    doub N N 74  
GLN C   OXT  sing N N 75  
GLN CB  CG   sing N N 76  
GLN CB  HB2  sing N N 77  
GLN CB  HB3  sing N N 78  
GLN CG  CD   sing N N 79  
GLN CG  HG2  sing N N 80  
GLN CG  HG3  sing N N 81  
GLN CD  OE1  doub N N 82  
GLN CD  NE2  sing N N 83  
GLN NE2 HE21 sing N N 84  
GLN NE2 HE22 sing N N 85  
GLN OXT HXT  sing N N 86  
GLU N   CA   sing N N 87  
GLU N   H    sing N N 88  
GLU N   H2   sing N N 89  
GLU CA  C    sing N N 90  
GLU CA  CB   sing N N 91  
GLU CA  HA   sing N N 92  
GLU C   O    doub N N 93  
GLU C   OXT  sing N N 94  
GLU CB  CG   sing N N 95  
GLU CB  HB2  sing N N 96  
GLU CB  HB3  sing N N 97  
GLU CG  CD   sing N N 98  
GLU CG  HG2  sing N N 99  
GLU CG  HG3  sing N N 100 
GLU CD  OE1  doub N N 101 
GLU CD  OE2  sing N N 102 
GLU OE2 HE2  sing N N 103 
GLU OXT HXT  sing N N 104 
GLY N   CA   sing N N 105 
GLY N   H    sing N N 106 
GLY N   H2   sing N N 107 
GLY CA  C    sing N N 108 
GLY CA  HA2  sing N N 109 
GLY CA  HA3  sing N N 110 
GLY C   O    doub N N 111 
GLY C   OXT  sing N N 112 
GLY OXT HXT  sing N N 113 
HIS N   CA   sing N N 114 
HIS N   H    sing N N 115 
HIS N   H2   sing N N 116 
HIS CA  C    sing N N 117 
HIS CA  CB   sing N N 118 
HIS CA  HA   sing N N 119 
HIS C   O    doub N N 120 
HIS C   OXT  sing N N 121 
HIS CB  CG   sing N N 122 
HIS CB  HB2  sing N N 123 
HIS CB  HB3  sing N N 124 
HIS CG  ND1  sing Y N 125 
HIS CG  CD2  doub Y N 126 
HIS ND1 CE1  doub Y N 127 
HIS ND1 HD1  sing N N 128 
HIS CD2 NE2  sing Y N 129 
HIS CD2 HD2  sing N N 130 
HIS CE1 NE2  sing Y N 131 
HIS CE1 HE1  sing N N 132 
HIS NE2 HE2  sing N N 133 
HIS OXT HXT  sing N N 134 
ILE N   CA   sing N N 135 
ILE N   H    sing N N 136 
ILE N   H2   sing N N 137 
ILE CA  C    sing N N 138 
ILE CA  CB   sing N N 139 
ILE CA  HA   sing N N 140 
ILE C   O    doub N N 141 
ILE C   OXT  sing N N 142 
ILE CB  CG1  sing N N 143 
ILE CB  CG2  sing N N 144 
ILE CB  HB   sing N N 145 
ILE CG1 CD1  sing N N 146 
ILE CG1 HG12 sing N N 147 
ILE CG1 HG13 sing N N 148 
ILE CG2 HG21 sing N N 149 
ILE CG2 HG22 sing N N 150 
ILE CG2 HG23 sing N N 151 
ILE CD1 HD11 sing N N 152 
ILE CD1 HD12 sing N N 153 
ILE CD1 HD13 sing N N 154 
ILE OXT HXT  sing N N 155 
LEU N   CA   sing N N 156 
LEU N   H    sing N N 157 
LEU N   H2   sing N N 158 
LEU CA  C    sing N N 159 
LEU CA  CB   sing N N 160 
LEU CA  HA   sing N N 161 
LEU C   O    doub N N 162 
LEU C   OXT  sing N N 163 
LEU CB  CG   sing N N 164 
LEU CB  HB2  sing N N 165 
LEU CB  HB3  sing N N 166 
LEU CG  CD1  sing N N 167 
LEU CG  CD2  sing N N 168 
LEU CG  HG   sing N N 169 
LEU CD1 HD11 sing N N 170 
LEU CD1 HD12 sing N N 171 
LEU CD1 HD13 sing N N 172 
LEU CD2 HD21 sing N N 173 
LEU CD2 HD22 sing N N 174 
LEU CD2 HD23 sing N N 175 
LEU OXT HXT  sing N N 176 
LYS N   CA   sing N N 177 
LYS N   H    sing N N 178 
LYS N   H2   sing N N 179 
LYS CA  C    sing N N 180 
LYS CA  CB   sing N N 181 
LYS CA  HA   sing N N 182 
LYS C   O    doub N N 183 
LYS C   OXT  sing N N 184 
LYS CB  CG   sing N N 185 
LYS CB  HB2  sing N N 186 
LYS CB  HB3  sing N N 187 
LYS CG  CD   sing N N 188 
LYS CG  HG2  sing N N 189 
LYS CG  HG3  sing N N 190 
LYS CD  CE   sing N N 191 
LYS CD  HD2  sing N N 192 
LYS CD  HD3  sing N N 193 
LYS CE  NZ   sing N N 194 
LYS CE  HE2  sing N N 195 
LYS CE  HE3  sing N N 196 
LYS NZ  HZ1  sing N N 197 
LYS NZ  HZ2  sing N N 198 
LYS NZ  HZ3  sing N N 199 
LYS OXT HXT  sing N N 200 
MET N   CA   sing N N 201 
MET N   H    sing N N 202 
MET N   H2   sing N N 203 
MET CA  C    sing N N 204 
MET CA  CB   sing N N 205 
MET CA  HA   sing N N 206 
MET C   O    doub N N 207 
MET C   OXT  sing N N 208 
MET CB  CG   sing N N 209 
MET CB  HB2  sing N N 210 
MET CB  HB3  sing N N 211 
MET CG  SD   sing N N 212 
MET CG  HG2  sing N N 213 
MET CG  HG3  sing N N 214 
MET SD  CE   sing N N 215 
MET CE  HE1  sing N N 216 
MET CE  HE2  sing N N 217 
MET CE  HE3  sing N N 218 
MET OXT HXT  sing N N 219 
PHE N   CA   sing N N 220 
PHE N   H    sing N N 221 
PHE N   H2   sing N N 222 
PHE CA  C    sing N N 223 
PHE CA  CB   sing N N 224 
PHE CA  HA   sing N N 225 
PHE C   O    doub N N 226 
PHE C   OXT  sing N N 227 
PHE CB  CG   sing N N 228 
PHE CB  HB2  sing N N 229 
PHE CB  HB3  sing N N 230 
PHE CG  CD1  doub Y N 231 
PHE CG  CD2  sing Y N 232 
PHE CD1 CE1  sing Y N 233 
PHE CD1 HD1  sing N N 234 
PHE CD2 CE2  doub Y N 235 
PHE CD2 HD2  sing N N 236 
PHE CE1 CZ   doub Y N 237 
PHE CE1 HE1  sing N N 238 
PHE CE2 CZ   sing Y N 239 
PHE CE2 HE2  sing N N 240 
PHE CZ  HZ   sing N N 241 
PHE OXT HXT  sing N N 242 
PRO N   CA   sing N N 243 
PRO N   CD   sing N N 244 
PRO N   H    sing N N 245 
PRO CA  C    sing N N 246 
PRO CA  CB   sing N N 247 
PRO CA  HA   sing N N 248 
PRO C   O    doub N N 249 
PRO C   OXT  sing N N 250 
PRO CB  CG   sing N N 251 
PRO CB  HB2  sing N N 252 
PRO CB  HB3  sing N N 253 
PRO CG  CD   sing N N 254 
PRO CG  HG2  sing N N 255 
PRO CG  HG3  sing N N 256 
PRO CD  HD2  sing N N 257 
PRO CD  HD3  sing N N 258 
PRO OXT HXT  sing N N 259 
SER N   CA   sing N N 260 
SER N   H    sing N N 261 
SER N   H2   sing N N 262 
SER CA  C    sing N N 263 
SER CA  CB   sing N N 264 
SER CA  HA   sing N N 265 
SER C   O    doub N N 266 
SER C   OXT  sing N N 267 
SER CB  OG   sing N N 268 
SER CB  HB2  sing N N 269 
SER CB  HB3  sing N N 270 
SER OG  HG   sing N N 271 
SER OXT HXT  sing N N 272 
THR N   CA   sing N N 273 
THR N   H    sing N N 274 
THR N   H2   sing N N 275 
THR CA  C    sing N N 276 
THR CA  CB   sing N N 277 
THR CA  HA   sing N N 278 
THR C   O    doub N N 279 
THR C   OXT  sing N N 280 
THR CB  OG1  sing N N 281 
THR CB  CG2  sing N N 282 
THR CB  HB   sing N N 283 
THR OG1 HG1  sing N N 284 
THR CG2 HG21 sing N N 285 
THR CG2 HG22 sing N N 286 
THR CG2 HG23 sing N N 287 
THR OXT HXT  sing N N 288 
TRP N   CA   sing N N 289 
TRP N   H    sing N N 290 
TRP N   H2   sing N N 291 
TRP CA  C    sing N N 292 
TRP CA  CB   sing N N 293 
TRP CA  HA   sing N N 294 
TRP C   O    doub N N 295 
TRP C   OXT  sing N N 296 
TRP CB  CG   sing N N 297 
TRP CB  HB2  sing N N 298 
TRP CB  HB3  sing N N 299 
TRP CG  CD1  doub Y N 300 
TRP CG  CD2  sing Y N 301 
TRP CD1 NE1  sing Y N 302 
TRP CD1 HD1  sing N N 303 
TRP CD2 CE2  doub Y N 304 
TRP CD2 CE3  sing Y N 305 
TRP NE1 CE2  sing Y N 306 
TRP NE1 HE1  sing N N 307 
TRP CE2 CZ2  sing Y N 308 
TRP CE3 CZ3  doub Y N 309 
TRP CE3 HE3  sing N N 310 
TRP CZ2 CH2  doub Y N 311 
TRP CZ2 HZ2  sing N N 312 
TRP CZ3 CH2  sing Y N 313 
TRP CZ3 HZ3  sing N N 314 
TRP CH2 HH2  sing N N 315 
TRP OXT HXT  sing N N 316 
TYR N   CA   sing N N 317 
TYR N   H    sing N N 318 
TYR N   H2   sing N N 319 
TYR CA  C    sing N N 320 
TYR CA  CB   sing N N 321 
TYR CA  HA   sing N N 322 
TYR C   O    doub N N 323 
TYR C   OXT  sing N N 324 
TYR CB  CG   sing N N 325 
TYR CB  HB2  sing N N 326 
TYR CB  HB3  sing N N 327 
TYR CG  CD1  doub Y N 328 
TYR CG  CD2  sing Y N 329 
TYR CD1 CE1  sing Y N 330 
TYR CD1 HD1  sing N N 331 
TYR CD2 CE2  doub Y N 332 
TYR CD2 HD2  sing N N 333 
TYR CE1 CZ   doub Y N 334 
TYR CE1 HE1  sing N N 335 
TYR CE2 CZ   sing Y N 336 
TYR CE2 HE2  sing N N 337 
TYR CZ  OH   sing N N 338 
TYR OH  HH   sing N N 339 
TYR OXT HXT  sing N N 340 
# 
_atom_sites.entry_id                    1HFI 
_atom_sites.fract_transf_matrix[1][1]   1.000000 
_atom_sites.fract_transf_matrix[1][2]   0.000000 
_atom_sites.fract_transf_matrix[1][3]   0.000000 
_atom_sites.fract_transf_matrix[2][1]   0.000000 
_atom_sites.fract_transf_matrix[2][2]   1.000000 
_atom_sites.fract_transf_matrix[2][3]   0.000000 
_atom_sites.fract_transf_matrix[3][1]   0.000000 
_atom_sites.fract_transf_matrix[3][2]   0.000000 
_atom_sites.fract_transf_matrix[3][3]   1.000000 
_atom_sites.fract_transf_vector[1]      0.00000 
_atom_sites.fract_transf_vector[2]      0.00000 
_atom_sites.fract_transf_vector[3]      0.00000 
# 
loop_
_atom_type.symbol 
C 
H 
N 
O 
S 
# 
loop_
_atom_site.group_PDB 
_atom_site.id 
_atom_site.type_symbol 
_atom_site.label_atom_id 
_atom_site.label_alt_id 
_atom_site.label_comp_id 
_atom_site.label_asym_id 
_atom_site.label_entity_id 
_atom_site.label_seq_id 
_atom_site.pdbx_PDB_ins_code 
_atom_site.Cartn_x 
_atom_site.Cartn_y 
_atom_site.Cartn_z 
_atom_site.occupancy 
_atom_site.B_iso_or_equiv 
_atom_site.pdbx_formal_charge 
_atom_site.auth_seq_id 
_atom_site.auth_comp_id 
_atom_site.auth_asym_id 
_atom_site.auth_atom_id 
_atom_site.pdbx_PDB_model_num 
ATOM 1   N N    . GLU A 1 1  ? -7.812  12.195  -17.677 1.00 0.00 ? 1  GLU A N    1 
ATOM 2   C CA   . GLU A 1 1  ? -6.846  12.822  -16.737 1.00 0.00 ? 1  GLU A CA   1 
ATOM 3   C C    . GLU A 1 1  ? -6.751  11.960  -15.470 1.00 0.00 ? 1  GLU A C    1 
ATOM 4   O O    . GLU A 1 1  ? -7.632  11.957  -14.631 1.00 0.00 ? 1  GLU A O    1 
ATOM 5   C CB   . GLU A 1 1  ? -7.300  14.302  -16.377 1.00 0.00 ? 1  GLU A CB   1 
ATOM 6   C CG   . GLU A 1 1  ? -8.684  14.442  -15.666 1.00 0.00 ? 1  GLU A CG   1 
ATOM 7   C CD   . GLU A 1 1  ? -9.825  13.854  -16.514 1.00 0.00 ? 1  GLU A CD   1 
ATOM 8   O OE1  . GLU A 1 1  ? -10.090 14.436  -17.554 1.00 0.00 ? 1  GLU A OE1  1 
ATOM 9   O OE2  . GLU A 1 1  ? -10.364 12.849  -16.077 1.00 0.00 ? 1  GLU A OE2  1 
ATOM 10  H H1   . GLU A 1 1  ? -8.221  11.348  -17.235 1.00 0.00 ? 1  GLU A H1   1 
ATOM 11  H H2   . GLU A 1 1  ? -8.568  12.865  -17.913 1.00 0.00 ? 1  GLU A H2   1 
ATOM 12  H H3   . GLU A 1 1  ? -7.313  11.925  -18.547 1.00 0.00 ? 1  GLU A H3   1 
ATOM 13  H HA   . GLU A 1 1  ? -5.875  12.852  -17.214 1.00 0.00 ? 1  GLU A HA   1 
ATOM 14  H HB2  . GLU A 1 1  ? -6.550  14.743  -15.736 1.00 0.00 ? 1  GLU A HB2  1 
ATOM 15  H HB3  . GLU A 1 1  ? -7.325  14.881  -17.287 1.00 0.00 ? 1  GLU A HB3  1 
ATOM 16  H HG2  . GLU A 1 1  ? -8.677  13.985  -14.689 1.00 0.00 ? 1  GLU A HG2  1 
ATOM 17  H HG3  . GLU A 1 1  ? -8.886  15.494  -15.520 1.00 0.00 ? 1  GLU A HG3  1 
ATOM 18  N N    . LYS A 1 2  ? -5.659  11.236  -15.376 1.00 0.00 ? 2  LYS A N    1 
ATOM 19  C CA   . LYS A 1 2  ? -5.451  10.356  -14.187 1.00 0.00 ? 2  LYS A CA   1 
ATOM 20  C C    . LYS A 1 2  ? -4.929  11.268  -13.093 1.00 0.00 ? 2  LYS A C    1 
ATOM 21  O O    . LYS A 1 2  ? -4.197  12.204  -13.355 1.00 0.00 ? 2  LYS A O    1 
ATOM 22  C CB   . LYS A 1 2  ? -4.391  9.261   -14.465 1.00 0.00 ? 2  LYS A CB   1 
ATOM 23  C CG   . LYS A 1 2  ? -4.887  8.204   -15.478 1.00 0.00 ? 2  LYS A CG   1 
ATOM 24  C CD   . LYS A 1 2  ? -4.807  8.741   -16.925 1.00 0.00 ? 2  LYS A CD   1 
ATOM 25  C CE   . LYS A 1 2  ? -5.352  7.691   -17.903 1.00 0.00 ? 2  LYS A CE   1 
ATOM 26  N NZ   . LYS A 1 2  ? -6.802  7.456   -17.647 1.00 0.00 ? 2  LYS A NZ   1 
ATOM 27  H H    . LYS A 1 2  ? -4.982  11.271  -16.083 1.00 0.00 ? 2  LYS A H    1 
ATOM 28  H HA   . LYS A 1 2  ? -6.387  9.916   -13.872 1.00 0.00 ? 2  LYS A HA   1 
ATOM 29  H HB2  . LYS A 1 2  ? -3.486  9.719   -14.838 1.00 0.00 ? 2  LYS A HB2  1 
ATOM 30  H HB3  . LYS A 1 2  ? -4.156  8.764   -13.536 1.00 0.00 ? 2  LYS A HB3  1 
ATOM 31  H HG2  . LYS A 1 2  ? -4.271  7.319   -15.389 1.00 0.00 ? 2  LYS A HG2  1 
ATOM 32  H HG3  . LYS A 1 2  ? -5.903  7.930   -15.240 1.00 0.00 ? 2  LYS A HG3  1 
ATOM 33  H HD2  . LYS A 1 2  ? -5.394  9.637   -17.034 1.00 0.00 ? 2  LYS A HD2  1 
ATOM 34  H HD3  . LYS A 1 2  ? -3.781  8.966   -17.173 1.00 0.00 ? 2  LYS A HD3  1 
ATOM 35  H HE2  . LYS A 1 2  ? -5.231  8.034   -18.919 1.00 0.00 ? 2  LYS A HE2  1 
ATOM 36  H HE3  . LYS A 1 2  ? -4.827  6.755   -17.788 1.00 0.00 ? 2  LYS A HE3  1 
ATOM 37  H HZ1  . LYS A 1 2  ? -7.114  8.046   -16.849 1.00 0.00 ? 2  LYS A HZ1  1 
ATOM 38  H HZ2  . LYS A 1 2  ? -7.348  7.707   -18.495 1.00 0.00 ? 2  LYS A HZ2  1 
ATOM 39  H HZ3  . LYS A 1 2  ? -6.959  6.454   -17.417 1.00 0.00 ? 2  LYS A HZ3  1 
ATOM 40  N N    . ILE A 1 3  ? -5.328  10.955  -11.892 1.00 0.00 ? 3  ILE A N    1 
ATOM 41  C CA   . ILE A 1 3  ? -4.896  11.765  -10.728 1.00 0.00 ? 3  ILE A CA   1 
ATOM 42  C C    . ILE A 1 3  ? -3.903  10.981  -9.878  1.00 0.00 ? 3  ILE A C    1 
ATOM 43  O O    . ILE A 1 3  ? -3.920  9.764   -9.869  1.00 0.00 ? 3  ILE A O    1 
ATOM 44  C CB   . ILE A 1 3  ? -6.161  12.142  -9.904  1.00 0.00 ? 3  ILE A CB   1 
ATOM 45  C CG1  . ILE A 1 3  ? -7.074  10.924  -9.678  1.00 0.00 ? 3  ILE A CG1  1 
ATOM 46  C CG2  . ILE A 1 3  ? -6.906  13.246  -10.637 1.00 0.00 ? 3  ILE A CG2  1 
ATOM 47  C CD1  . ILE A 1 3  ? -8.290  11.247  -8.778  1.00 0.00 ? 3  ILE A CD1  1 
ATOM 48  H H    . ILE A 1 3  ? -5.914  10.186  -11.748 1.00 0.00 ? 3  ILE A H    1 
ATOM 49  H HA   . ILE A 1 3  ? -4.415  12.665  -11.086 1.00 0.00 ? 3  ILE A HA   1 
ATOM 50  H HB   . ILE A 1 3  ? -5.862  12.481  -8.930  1.00 0.00 ? 3  ILE A HB   1 
ATOM 51  H HG12 . ILE A 1 3  ? -7.421  10.499  -10.608 1.00 0.00 ? 3  ILE A HG12 1 
ATOM 52  H HG13 . ILE A 1 3  ? -6.454  10.212  -9.183  1.00 0.00 ? 3  ILE A HG13 1 
ATOM 53  H HG21 . ILE A 1 3  ? -6.248  14.093  -10.757 1.00 0.00 ? 3  ILE A HG21 1 
ATOM 54  H HG22 . ILE A 1 3  ? -7.214  12.889  -11.608 1.00 0.00 ? 3  ILE A HG22 1 
ATOM 55  H HG23 . ILE A 1 3  ? -7.773  13.552  -10.073 1.00 0.00 ? 3  ILE A HG23 1 
ATOM 56  H HD11 . ILE A 1 3  ? -7.962  11.605  -7.814  1.00 0.00 ? 3  ILE A HD11 1 
ATOM 57  H HD12 . ILE A 1 3  ? -8.922  11.994  -9.230  1.00 0.00 ? 3  ILE A HD12 1 
ATOM 58  H HD13 . ILE A 1 3  ? -8.878  10.354  -8.632  1.00 0.00 ? 3  ILE A HD13 1 
ATOM 59  N N    . PRO A 1 4  ? -3.058  11.704  -9.176  1.00 0.00 ? 4  PRO A N    1 
ATOM 60  C CA   . PRO A 1 4  ? -2.097  11.094  -8.236  1.00 0.00 ? 4  PRO A CA   1 
ATOM 61  C C    . PRO A 1 4  ? -2.880  10.601  -7.023  1.00 0.00 ? 4  PRO A C    1 
ATOM 62  O O    . PRO A 1 4  ? -4.008  10.994  -6.793  1.00 0.00 ? 4  PRO A O    1 
ATOM 63  C CB   . PRO A 1 4  ? -1.126  12.214  -7.941  1.00 0.00 ? 4  PRO A CB   1 
ATOM 64  C CG   . PRO A 1 4  ? -2.048  13.451  -7.962  1.00 0.00 ? 4  PRO A CG   1 
ATOM 65  C CD   . PRO A 1 4  ? -2.925  13.190  -9.201  1.00 0.00 ? 4  PRO A CD   1 
ATOM 66  H HA   . PRO A 1 4  ? -1.599  10.262  -8.711  1.00 0.00 ? 4  PRO A HA   1 
ATOM 67  H HB2  . PRO A 1 4  ? -0.658  12.075  -6.984  1.00 0.00 ? 4  PRO A HB2  1 
ATOM 68  H HB3  . PRO A 1 4  ? -0.369  12.262  -8.708  1.00 0.00 ? 4  PRO A HB3  1 
ATOM 69  H HG2  . PRO A 1 4  ? -2.646  13.508  -7.064  1.00 0.00 ? 4  PRO A HG2  1 
ATOM 70  H HG3  . PRO A 1 4  ? -1.472  14.354  -8.083  1.00 0.00 ? 4  PRO A HG3  1 
ATOM 71  H HD2  . PRO A 1 4  ? -3.895  13.652  -9.104  1.00 0.00 ? 4  PRO A HD2  1 
ATOM 72  H HD3  . PRO A 1 4  ? -2.444  13.499  -10.118 1.00 0.00 ? 4  PRO A HD3  1 
ATOM 73  N N    . CYS A 1 5  ? -2.215  9.759   -6.291  1.00 0.00 ? 5  CYS A N    1 
ATOM 74  C CA   . CYS A 1 5  ? -2.787  9.140   -5.063  1.00 0.00 ? 5  CYS A CA   1 
ATOM 75  C C    . CYS A 1 5  ? -2.075  9.792   -3.881  1.00 0.00 ? 5  CYS A C    1 
ATOM 76  O O    . CYS A 1 5  ? -1.063  10.427  -4.073  1.00 0.00 ? 5  CYS A O    1 
ATOM 77  C CB   . CYS A 1 5  ? -2.477  7.646   -5.108  1.00 0.00 ? 5  CYS A CB   1 
ATOM 78  S SG   . CYS A 1 5  ? -1.811  7.042   -6.679  1.00 0.00 ? 5  CYS A SG   1 
ATOM 79  H H    . CYS A 1 5  ? -1.304  9.536   -6.558  1.00 0.00 ? 5  CYS A H    1 
ATOM 80  H HA   . CYS A 1 5  ? -3.853  9.331   -5.013  1.00 0.00 ? 5  CYS A HA   1 
ATOM 81  H HB2  . CYS A 1 5  ? -1.771  7.388   -4.333  1.00 0.00 ? 5  CYS A HB2  1 
ATOM 82  H HB3  . CYS A 1 5  ? -3.387  7.103   -4.917  1.00 0.00 ? 5  CYS A HB3  1 
ATOM 83  N N    . SER A 1 6  ? -2.601  9.618   -2.700  1.00 0.00 ? 6  SER A N    1 
ATOM 84  C CA   . SER A 1 6  ? -1.946  10.225  -1.497  1.00 0.00 ? 6  SER A CA   1 
ATOM 85  C C    . SER A 1 6  ? -1.438  9.039   -0.675  1.00 0.00 ? 6  SER A C    1 
ATOM 86  O O    . SER A 1 6  ? -1.485  7.919   -1.151  1.00 0.00 ? 6  SER A O    1 
ATOM 87  C CB   . SER A 1 6  ? -2.991  11.040  -0.715  1.00 0.00 ? 6  SER A CB   1 
ATOM 88  O OG   . SER A 1 6  ? -2.276  11.722  0.309   1.00 0.00 ? 6  SER A OG   1 
ATOM 89  H H    . SER A 1 6  ? -3.423  9.093   -2.601  1.00 0.00 ? 6  SER A H    1 
ATOM 90  H HA   . SER A 1 6  ? -1.115  10.846  -1.784  1.00 0.00 ? 6  SER A HA   1 
ATOM 91  H HB2  . SER A 1 6  ? -3.455  11.769  -1.353  1.00 0.00 ? 6  SER A HB2  1 
ATOM 92  H HB3  . SER A 1 6  ? -3.737  10.402  -0.272  1.00 0.00 ? 6  SER A HB3  1 
ATOM 93  H HG   . SER A 1 6  ? -1.333  11.572  0.192   1.00 0.00 ? 6  SER A HG   1 
ATOM 94  N N    . GLN A 1 7  ? -0.954  9.319   0.512   1.00 0.00 ? 7  GLN A N    1 
ATOM 95  C CA   . GLN A 1 7  ? -0.423  8.251   1.433   1.00 0.00 ? 7  GLN A CA   1 
ATOM 96  C C    . GLN A 1 7  ? -1.213  6.930   1.263   1.00 0.00 ? 7  GLN A C    1 
ATOM 97  O O    . GLN A 1 7  ? -2.429  6.983   1.256   1.00 0.00 ? 7  GLN A O    1 
ATOM 98  C CB   . GLN A 1 7  ? -0.554  8.709   2.907   1.00 0.00 ? 7  GLN A CB   1 
ATOM 99  C CG   . GLN A 1 7  ? 0.222   10.012  3.210   1.00 0.00 ? 7  GLN A CG   1 
ATOM 100 C CD   . GLN A 1 7  ? 1.739   9.848   3.021   1.00 0.00 ? 7  GLN A CD   1 
ATOM 101 O OE1  . GLN A 1 7  ? 2.277   8.761   2.942   1.00 0.00 ? 7  GLN A OE1  1 
ATOM 102 N NE2  . GLN A 1 7  ? 2.467   10.927  2.954   1.00 0.00 ? 7  GLN A NE2  1 
ATOM 103 H H    . GLN A 1 7  ? -0.946  10.257  0.797   1.00 0.00 ? 7  GLN A H    1 
ATOM 104 H HA   . GLN A 1 7  ? 0.611   8.085   1.181   1.00 0.00 ? 7  GLN A HA   1 
ATOM 105 H HB2  . GLN A 1 7  ? -1.598  8.875   3.129   1.00 0.00 ? 7  GLN A HB2  1 
ATOM 106 H HB3  . GLN A 1 7  ? -0.197  7.922   3.557   1.00 0.00 ? 7  GLN A HB3  1 
ATOM 107 H HG2  . GLN A 1 7  ? -0.124  10.807  2.566   1.00 0.00 ? 7  GLN A HG2  1 
ATOM 108 H HG3  . GLN A 1 7  ? 0.037   10.304  4.234   1.00 0.00 ? 7  GLN A HG3  1 
ATOM 109 H HE21 . GLN A 1 7  ? 2.042   11.807  3.020   1.00 0.00 ? 7  GLN A HE21 1 
ATOM 110 H HE22 . GLN A 1 7  ? 3.438   10.863  2.836   1.00 0.00 ? 7  GLN A HE22 1 
ATOM 111 N N    . PRO A 1 8  ? -0.560  5.793   1.133   1.00 0.00 ? 8  PRO A N    1 
ATOM 112 C CA   . PRO A 1 8  ? -1.273  4.497   0.927   1.00 0.00 ? 8  PRO A CA   1 
ATOM 113 C C    . PRO A 1 8  ? -2.128  4.177   2.174   1.00 0.00 ? 8  PRO A C    1 
ATOM 114 O O    . PRO A 1 8  ? -1.869  4.718   3.232   1.00 0.00 ? 8  PRO A O    1 
ATOM 115 C CB   . PRO A 1 8  ? -0.139  3.502   0.667   1.00 0.00 ? 8  PRO A CB   1 
ATOM 116 C CG   . PRO A 1 8  ? 1.023   4.108   1.492   1.00 0.00 ? 8  PRO A CG   1 
ATOM 117 C CD   . PRO A 1 8  ? 0.918   5.607   1.179   1.00 0.00 ? 8  PRO A CD   1 
ATOM 118 H HA   . PRO A 1 8  ? -1.913  4.576   0.060   1.00 0.00 ? 8  PRO A HA   1 
ATOM 119 H HB2  . PRO A 1 8  ? -0.390  2.512   1.017   1.00 0.00 ? 8  PRO A HB2  1 
ATOM 120 H HB3  . PRO A 1 8  ? 0.108   3.465   -0.383  1.00 0.00 ? 8  PRO A HB3  1 
ATOM 121 H HG2  . PRO A 1 8  ? 0.896   3.924   2.549   1.00 0.00 ? 8  PRO A HG2  1 
ATOM 122 H HG3  . PRO A 1 8  ? 1.978   3.725   1.165   1.00 0.00 ? 8  PRO A HG3  1 
ATOM 123 H HD2  . PRO A 1 8  ? 1.349   6.186   1.980   1.00 0.00 ? 8  PRO A HD2  1 
ATOM 124 H HD3  . PRO A 1 8  ? 1.361   5.866   0.230   1.00 0.00 ? 8  PRO A HD3  1 
ATOM 125 N N    . PRO A 1 9  ? -3.113  3.317   2.033   1.00 0.00 ? 9  PRO A N    1 
ATOM 126 C CA   . PRO A 1 9  ? -4.013  2.939   3.162   1.00 0.00 ? 9  PRO A CA   1 
ATOM 127 C C    . PRO A 1 9  ? -3.238  2.238   4.295   1.00 0.00 ? 9  PRO A C    1 
ATOM 128 O O    . PRO A 1 9  ? -2.048  2.018   4.180   1.00 0.00 ? 9  PRO A O    1 
ATOM 129 C CB   . PRO A 1 9  ? -5.076  2.059   2.491   1.00 0.00 ? 9  PRO A CB   1 
ATOM 130 C CG   . PRO A 1 9  ? -4.300  1.426   1.308   1.00 0.00 ? 9  PRO A CG   1 
ATOM 131 C CD   . PRO A 1 9  ? -3.469  2.602   0.773   1.00 0.00 ? 9  PRO A CD   1 
ATOM 132 H HA   . PRO A 1 9  ? -4.474  3.831   3.557   1.00 0.00 ? 9  PRO A HA   1 
ATOM 133 H HB2  . PRO A 1 9  ? -5.443  1.297   3.162   1.00 0.00 ? 9  PRO A HB2  1 
ATOM 134 H HB3  . PRO A 1 9  ? -5.901  2.658   2.137   1.00 0.00 ? 9  PRO A HB3  1 
ATOM 135 H HG2  . PRO A 1 9  ? -3.664  0.620   1.637   1.00 0.00 ? 9  PRO A HG2  1 
ATOM 136 H HG3  . PRO A 1 9  ? -4.979  1.069   0.548   1.00 0.00 ? 9  PRO A HG3  1 
ATOM 137 H HD2  . PRO A 1 9  ? -2.576  2.254   0.272   1.00 0.00 ? 9  PRO A HD2  1 
ATOM 138 H HD3  . PRO A 1 9  ? -4.042  3.251   0.128   1.00 0.00 ? 9  PRO A HD3  1 
ATOM 139 N N    . GLN A 1 10 ? -3.934  1.922   5.358   1.00 0.00 ? 10 GLN A N    1 
ATOM 140 C CA   . GLN A 1 10 ? -3.289  1.233   6.522   1.00 0.00 ? 10 GLN A CA   1 
ATOM 141 C C    . GLN A 1 10 ? -4.068  -0.055  6.825   1.00 0.00 ? 10 GLN A C    1 
ATOM 142 O O    . GLN A 1 10 ? -5.275  -0.077  6.686   1.00 0.00 ? 10 GLN A O    1 
ATOM 143 C CB   . GLN A 1 10 ? -3.304  2.192   7.744   1.00 0.00 ? 10 GLN A CB   1 
ATOM 144 C CG   . GLN A 1 10 ? -2.541  3.513   7.412   1.00 0.00 ? 10 GLN A CG   1 
ATOM 145 C CD   . GLN A 1 10 ? -3.502  4.623   6.948   1.00 0.00 ? 10 GLN A CD   1 
ATOM 146 O OE1  . GLN A 1 10 ? -4.265  4.479   6.013   1.00 0.00 ? 10 GLN A OE1  1 
ATOM 147 N NE2  . GLN A 1 10 ? -3.492  5.763   7.586   1.00 0.00 ? 10 GLN A NE2  1 
ATOM 148 H H    . GLN A 1 10 ? -4.890  2.141   5.388   1.00 0.00 ? 10 GLN A H    1 
ATOM 149 H HA   . GLN A 1 10 ? -2.272  0.968   6.278   1.00 0.00 ? 10 GLN A HA   1 
ATOM 150 H HB2  . GLN A 1 10 ? -4.324  2.414   8.023   1.00 0.00 ? 10 GLN A HB2  1 
ATOM 151 H HB3  . GLN A 1 10 ? -2.824  1.711   8.583   1.00 0.00 ? 10 GLN A HB3  1 
ATOM 152 H HG2  . GLN A 1 10 ? -2.009  3.860   8.286   1.00 0.00 ? 10 GLN A HG2  1 
ATOM 153 H HG3  . GLN A 1 10 ? -1.820  3.347   6.625   1.00 0.00 ? 10 GLN A HG3  1 
ATOM 154 H HE21 . GLN A 1 10 ? -2.883  5.898   8.341   1.00 0.00 ? 10 GLN A HE21 1 
ATOM 155 H HE22 . GLN A 1 10 ? -4.094  6.485   7.310   1.00 0.00 ? 10 GLN A HE22 1 
ATOM 156 N N    . ILE A 1 11 ? -3.363  -1.088  7.228   1.00 0.00 ? 11 ILE A N    1 
ATOM 157 C CA   . ILE A 1 11 ? -4.017  -2.401  7.548   1.00 0.00 ? 11 ILE A CA   1 
ATOM 158 C C    . ILE A 1 11 ? -3.553  -3.020  8.883   1.00 0.00 ? 11 ILE A C    1 
ATOM 159 O O    . ILE A 1 11 ? -2.498  -3.615  8.943   1.00 0.00 ? 11 ILE A O    1 
ATOM 160 C CB   . ILE A 1 11 ? -3.741  -3.383  6.354   1.00 0.00 ? 11 ILE A CB   1 
ATOM 161 C CG1  . ILE A 1 11 ? -2.234  -3.344  5.937   1.00 0.00 ? 11 ILE A CG1  1 
ATOM 162 C CG2  . ILE A 1 11 ? -4.630  -2.961  5.162   1.00 0.00 ? 11 ILE A CG2  1 
ATOM 163 C CD1  . ILE A 1 11 ? -1.887  -4.481  4.963   1.00 0.00 ? 11 ILE A CD1  1 
ATOM 164 H H    . ILE A 1 11 ? -2.390  -1.015  7.329   1.00 0.00 ? 11 ILE A H    1 
ATOM 165 H HA   . ILE A 1 11 ? -5.086  -2.246  7.625   1.00 0.00 ? 11 ILE A HA   1 
ATOM 166 H HB   . ILE A 1 11 ? -4.008  -4.388  6.648   1.00 0.00 ? 11 ILE A HB   1 
ATOM 167 H HG12 . ILE A 1 11 ? -2.059  -2.408  5.425   1.00 0.00 ? 11 ILE A HG12 1 
ATOM 168 H HG13 . ILE A 1 11 ? -1.579  -3.389  6.787   1.00 0.00 ? 11 ILE A HG13 1 
ATOM 169 H HG21 . ILE A 1 11 ? -5.673  -3.006  5.445   1.00 0.00 ? 11 ILE A HG21 1 
ATOM 170 H HG22 . ILE A 1 11 ? -4.403  -1.950  4.854   1.00 0.00 ? 11 ILE A HG22 1 
ATOM 171 H HG23 . ILE A 1 11 ? -4.474  -3.622  4.324   1.00 0.00 ? 11 ILE A HG23 1 
ATOM 172 H HD11 . ILE A 1 11 ? -2.147  -5.440  5.387   1.00 0.00 ? 11 ILE A HD11 1 
ATOM 173 H HD12 . ILE A 1 11 ? -2.409  -4.352  4.028   1.00 0.00 ? 11 ILE A HD12 1 
ATOM 174 H HD13 . ILE A 1 11 ? -0.827  -4.489  4.761   1.00 0.00 ? 11 ILE A HD13 1 
ATOM 175 N N    . GLU A 1 12 ? -4.369  -2.843  9.900   1.00 0.00 ? 12 GLU A N    1 
ATOM 176 C CA   . GLU A 1 12 ? -4.124  -3.362  11.299  1.00 0.00 ? 12 GLU A CA   1 
ATOM 177 C C    . GLU A 1 12 ? -2.897  -4.269  11.497  1.00 0.00 ? 12 GLU A C    1 
ATOM 178 O O    . GLU A 1 12 ? -2.848  -5.332  10.909  1.00 0.00 ? 12 GLU A O    1 
ATOM 179 C CB   . GLU A 1 12 ? -5.355  -4.168  11.791  1.00 0.00 ? 12 GLU A CB   1 
ATOM 180 C CG   . GLU A 1 12 ? -6.651  -3.379  11.587  1.00 0.00 ? 12 GLU A CG   1 
ATOM 181 C CD   . GLU A 1 12 ? -7.857  -4.212  12.062  1.00 0.00 ? 12 GLU A CD   1 
ATOM 182 O OE1  . GLU A 1 12 ? -8.126  -5.212  11.411  1.00 0.00 ? 12 GLU A OE1  1 
ATOM 183 O OE2  . GLU A 1 12 ? -8.445  -3.809  13.051  1.00 0.00 ? 12 GLU A OE2  1 
ATOM 184 H H    . GLU A 1 12 ? -5.191  -2.336  9.735   1.00 0.00 ? 12 GLU A H    1 
ATOM 185 H HA   . GLU A 1 12 ? -4.012  -2.501  11.945  1.00 0.00 ? 12 GLU A HA   1 
ATOM 186 H HB2  . GLU A 1 12 ? -5.418  -5.103  11.254  1.00 0.00 ? 12 GLU A HB2  1 
ATOM 187 H HB3  . GLU A 1 12 ? -5.237  -4.386  12.843  1.00 0.00 ? 12 GLU A HB3  1 
ATOM 188 H HG2  . GLU A 1 12 ? -6.596  -2.463  12.153  1.00 0.00 ? 12 GLU A HG2  1 
ATOM 189 H HG3  . GLU A 1 12 ? -6.781  -3.149  10.542  1.00 0.00 ? 12 GLU A HG3  1 
ATOM 190 N N    . HIS A 1 13 ? -1.961  -3.810  12.297  1.00 0.00 ? 13 HIS A N    1 
ATOM 191 C CA   . HIS A 1 13 ? -0.691  -4.557  12.620  1.00 0.00 ? 13 HIS A CA   1 
ATOM 192 C C    . HIS A 1 13 ? 0.419   -4.317  11.597  1.00 0.00 ? 13 HIS A C    1 
ATOM 193 O O    . HIS A 1 13 ? 1.553   -4.086  11.975  1.00 0.00 ? 13 HIS A O    1 
ATOM 194 C CB   . HIS A 1 13 ? -0.904  -6.100  12.689  1.00 0.00 ? 13 HIS A CB   1 
ATOM 195 C CG   . HIS A 1 13 ? -1.998  -6.465  13.697  1.00 0.00 ? 13 HIS A CG   1 
ATOM 196 N ND1  . HIS A 1 13 ? -1.815  -6.546  14.973  1.00 0.00 ? 13 HIS A ND1  1 
ATOM 197 C CD2  . HIS A 1 13 ? -3.340  -6.772  13.521  1.00 0.00 ? 13 HIS A CD2  1 
ATOM 198 C CE1  . HIS A 1 13 ? -2.927  -6.874  15.551  1.00 0.00 ? 13 HIS A CE1  1 
ATOM 199 N NE2  . HIS A 1 13 ? -3.901  -7.025  14.687  1.00 0.00 ? 13 HIS A NE2  1 
ATOM 200 H H    . HIS A 1 13 ? -2.097  -2.931  12.709  1.00 0.00 ? 13 HIS A H    1 
ATOM 201 H HA   . HIS A 1 13 ? -0.342  -4.205  13.584  1.00 0.00 ? 13 HIS A HA   1 
ATOM 202 H HB2  . HIS A 1 13 ? -1.127  -6.538  11.729  1.00 0.00 ? 13 HIS A HB2  1 
ATOM 203 H HB3  . HIS A 1 13 ? 0.016   -6.539  13.040  1.00 0.00 ? 13 HIS A HB3  1 
ATOM 204 H HD1  . HIS A 1 13 ? -0.965  -6.384  15.433  1.00 0.00 ? 13 HIS A HD1  1 
ATOM 205 H HD2  . HIS A 1 13 ? -3.863  -6.796  12.574  1.00 0.00 ? 13 HIS A HD2  1 
ATOM 206 H HE1  . HIS A 1 13 ? -3.039  -7.008  16.616  1.00 0.00 ? 13 HIS A HE1  1 
ATOM 207 N N    . GLY A 1 14 ? 0.060   -4.378  10.336  1.00 0.00 ? 14 GLY A N    1 
ATOM 208 C CA   . GLY A 1 14 ? 1.065   -4.171  9.251   1.00 0.00 ? 14 GLY A CA   1 
ATOM 209 C C    . GLY A 1 14 ? 0.925   -2.790  8.612   1.00 0.00 ? 14 GLY A C    1 
ATOM 210 O O    . GLY A 1 14 ? -0.060  -2.099  8.790   1.00 0.00 ? 14 GLY A O    1 
ATOM 211 H H    . GLY A 1 14 ? -0.872  -4.554  10.086  1.00 0.00 ? 14 GLY A H    1 
ATOM 212 H HA2  . GLY A 1 14 ? 2.063   -4.278  9.647   1.00 0.00 ? 14 GLY A HA2  1 
ATOM 213 H HA3  . GLY A 1 14 ? 0.914   -4.925  8.492   1.00 0.00 ? 14 GLY A HA3  1 
ATOM 214 N N    . THR A 1 15 ? 1.949   -2.447  7.874   1.00 0.00 ? 15 THR A N    1 
ATOM 215 C CA   . THR A 1 15 ? 2.015   -1.132  7.166   1.00 0.00 ? 15 THR A CA   1 
ATOM 216 C C    . THR A 1 15 ? 2.651   -1.322  5.787   1.00 0.00 ? 15 THR A C    1 
ATOM 217 O O    . THR A 1 15 ? 3.040   -2.416  5.425   1.00 0.00 ? 15 THR A O    1 
ATOM 218 C CB   . THR A 1 15 ? 2.861   -0.135  8.015   1.00 0.00 ? 15 THR A CB   1 
ATOM 219 O OG1  . THR A 1 15 ? 4.135   -0.749  8.179   1.00 0.00 ? 15 THR A OG1  1 
ATOM 220 C CG2  . THR A 1 15 ? 2.320   0.006   9.453   1.00 0.00 ? 15 THR A CG2  1 
ATOM 221 H H    . THR A 1 15 ? 2.684   -3.086  7.775   1.00 0.00 ? 15 THR A H    1 
ATOM 222 H HA   . THR A 1 15 ? 1.018   -0.742  7.026   1.00 0.00 ? 15 THR A HA   1 
ATOM 223 H HB   . THR A 1 15 ? 2.979   0.824   7.534   1.00 0.00 ? 15 THR A HB   1 
ATOM 224 H HG1  . THR A 1 15 ? 4.128   -1.605  7.743   1.00 0.00 ? 15 THR A HG1  1 
ATOM 225 H HG21 . THR A 1 15 ? 1.299   0.359   9.435   1.00 0.00 ? 15 THR A HG21 1 
ATOM 226 H HG22 . THR A 1 15 ? 2.348   -0.943  9.970   1.00 0.00 ? 15 THR A HG22 1 
ATOM 227 H HG23 . THR A 1 15 ? 2.921   0.714   10.004  1.00 0.00 ? 15 THR A HG23 1 
ATOM 228 N N    . ILE A 1 16 ? 2.740   -0.238  5.061   1.00 0.00 ? 16 ILE A N    1 
ATOM 229 C CA   . ILE A 1 16 ? 3.342   -0.282  3.694   1.00 0.00 ? 16 ILE A CA   1 
ATOM 230 C C    . ILE A 1 16 ? 4.877   -0.384  3.882   1.00 0.00 ? 16 ILE A C    1 
ATOM 231 O O    . ILE A 1 16 ? 5.390   -0.026  4.926   1.00 0.00 ? 16 ILE A O    1 
ATOM 232 C CB   . ILE A 1 16 ? 2.922   1.035   2.961   1.00 0.00 ? 16 ILE A CB   1 
ATOM 233 C CG1  . ILE A 1 16 ? 3.116   0.919   1.428   1.00 0.00 ? 16 ILE A CG1  1 
ATOM 234 C CG2  . ILE A 1 16 ? 3.715   2.252   3.498   1.00 0.00 ? 16 ILE A CG2  1 
ATOM 235 C CD1  . ILE A 1 16 ? 1.941   0.120   0.839   1.00 0.00 ? 16 ILE A CD1  1 
ATOM 236 H H    . ILE A 1 16 ? 2.404   0.611   5.416   1.00 0.00 ? 16 ILE A H    1 
ATOM 237 H HA   . ILE A 1 16 ? 2.985   -1.158  3.171   1.00 0.00 ? 16 ILE A HA   1 
ATOM 238 H HB   . ILE A 1 16 ? 1.875   1.217   3.165   1.00 0.00 ? 16 ILE A HB   1 
ATOM 239 H HG12 . ILE A 1 16 ? 3.147   1.897   0.970   1.00 0.00 ? 16 ILE A HG12 1 
ATOM 240 H HG13 . ILE A 1 16 ? 4.044   0.412   1.209   1.00 0.00 ? 16 ILE A HG13 1 
ATOM 241 H HG21 . ILE A 1 16 ? 3.533   2.368   4.556   1.00 0.00 ? 16 ILE A HG21 1 
ATOM 242 H HG22 . ILE A 1 16 ? 4.774   2.121   3.340   1.00 0.00 ? 16 ILE A HG22 1 
ATOM 243 H HG23 . ILE A 1 16 ? 3.402   3.157   2.997   1.00 0.00 ? 16 ILE A HG23 1 
ATOM 244 H HD11 . ILE A 1 16 ? 1.008   0.623   1.051   1.00 0.00 ? 16 ILE A HD11 1 
ATOM 245 H HD12 . ILE A 1 16 ? 2.045   0.037   -0.230  1.00 0.00 ? 16 ILE A HD12 1 
ATOM 246 H HD13 . ILE A 1 16 ? 1.900   -0.871  1.263   1.00 0.00 ? 16 ILE A HD13 1 
ATOM 247 N N    . ASN A 1 17 ? 5.558   -0.867  2.876   1.00 0.00 ? 17 ASN A N    1 
ATOM 248 C CA   . ASN A 1 17 ? 7.053   -1.012  2.944   1.00 0.00 ? 17 ASN A CA   1 
ATOM 249 C C    . ASN A 1 17 ? 7.707   -0.301  1.745   1.00 0.00 ? 17 ASN A C    1 
ATOM 250 O O    . ASN A 1 17 ? 8.423   -0.894  0.959   1.00 0.00 ? 17 ASN A O    1 
ATOM 251 C CB   . ASN A 1 17 ? 7.365   -2.539  2.977   1.00 0.00 ? 17 ASN A CB   1 
ATOM 252 C CG   . ASN A 1 17 ? 6.803   -3.282  1.746   1.00 0.00 ? 17 ASN A CG   1 
ATOM 253 O OD1  . ASN A 1 17 ? 6.824   -4.493  1.663   1.00 0.00 ? 17 ASN A OD1  1 
ATOM 254 N ND2  . ASN A 1 17 ? 6.290   -2.611  0.757   1.00 0.00 ? 17 ASN A ND2  1 
ATOM 255 H H    . ASN A 1 17 ? 5.082   -1.142  2.064   1.00 0.00 ? 17 ASN A H    1 
ATOM 256 H HA   . ASN A 1 17 ? 7.427   -0.554  3.850   1.00 0.00 ? 17 ASN A HA   1 
ATOM 257 H HB2  . ASN A 1 17 ? 8.433   -2.701  3.026   1.00 0.00 ? 17 ASN A HB2  1 
ATOM 258 H HB3  . ASN A 1 17 ? 6.922   -2.959  3.866   1.00 0.00 ? 17 ASN A HB3  1 
ATOM 259 H HD21 . ASN A 1 17 ? 6.255   -1.633  0.772   1.00 0.00 ? 17 ASN A HD21 1 
ATOM 260 H HD22 . ASN A 1 17 ? 5.934   -3.096  -0.013  1.00 0.00 ? 17 ASN A HD22 1 
ATOM 261 N N    . SER A 1 18 ? 7.431   0.975   1.662   1.00 0.00 ? 18 SER A N    1 
ATOM 262 C CA   . SER A 1 18 ? 7.969   1.840   0.562   1.00 0.00 ? 18 SER A CA   1 
ATOM 263 C C    . SER A 1 18 ? 9.270   2.527   1.011   1.00 0.00 ? 18 SER A C    1 
ATOM 264 O O    . SER A 1 18 ? 10.234  2.541   0.272   1.00 0.00 ? 18 SER A O    1 
ATOM 265 C CB   . SER A 1 18 ? 6.895   2.888   0.218   1.00 0.00 ? 18 SER A CB   1 
ATOM 266 O OG   . SER A 1 18 ? 7.431   3.625   -0.872  1.00 0.00 ? 18 SER A OG   1 
ATOM 267 H H    . SER A 1 18 ? 6.852   1.373   2.344   1.00 0.00 ? 18 SER A H    1 
ATOM 268 H HA   . SER A 1 18 ? 8.171   1.230   -0.308  1.00 0.00 ? 18 SER A HA   1 
ATOM 269 H HB2  . SER A 1 18 ? 5.969   2.421   -0.081  1.00 0.00 ? 18 SER A HB2  1 
ATOM 270 H HB3  . SER A 1 18 ? 6.722   3.559   1.047   1.00 0.00 ? 18 SER A HB3  1 
ATOM 271 H HG   . SER A 1 18 ? 7.436   4.553   -0.622  1.00 0.00 ? 18 SER A HG   1 
ATOM 272 N N    . SER A 1 19 ? 9.203   3.052   2.213   1.00 0.00 ? 19 SER A N    1 
ATOM 273 C CA   . SER A 1 19 ? 10.296  3.791   2.942   1.00 0.00 ? 19 SER A CA   1 
ATOM 274 C C    . SER A 1 19 ? 9.616   4.973   3.670   1.00 0.00 ? 19 SER A C    1 
ATOM 275 O O    . SER A 1 19 ? 10.025  6.115   3.595   1.00 0.00 ? 19 SER A O    1 
ATOM 276 C CB   . SER A 1 19 ? 11.392  4.355   1.961   1.00 0.00 ? 19 SER A CB   1 
ATOM 277 O OG   . SER A 1 19 ? 10.714  5.245   1.086   1.00 0.00 ? 19 SER A OG   1 
ATOM 278 H H    . SER A 1 19 ? 8.350   2.953   2.682   1.00 0.00 ? 19 SER A H    1 
ATOM 279 H HA   . SER A 1 19 ? 10.737  3.128   3.671   1.00 0.00 ? 19 SER A HA   1 
ATOM 280 H HB2  . SER A 1 19 ? 12.149  4.903   2.501   1.00 0.00 ? 19 SER A HB2  1 
ATOM 281 H HB3  . SER A 1 19 ? 11.877  3.578   1.392   1.00 0.00 ? 19 SER A HB3  1 
ATOM 282 H HG   . SER A 1 19 ? 11.075  6.121   1.238   1.00 0.00 ? 19 SER A HG   1 
ATOM 283 N N    . ARG A 1 20 ? 8.579   4.584   4.374   1.00 0.00 ? 20 ARG A N    1 
ATOM 284 C CA   . ARG A 1 20 ? 7.690   5.472   5.203   1.00 0.00 ? 20 ARG A CA   1 
ATOM 285 C C    . ARG A 1 20 ? 7.380   6.888   4.678   1.00 0.00 ? 20 ARG A C    1 
ATOM 286 O O    . ARG A 1 20 ? 6.282   7.124   4.203   1.00 0.00 ? 20 ARG A O    1 
ATOM 287 C CB   . ARG A 1 20 ? 8.320   5.607   6.603   1.00 0.00 ? 20 ARG A CB   1 
ATOM 288 C CG   . ARG A 1 20 ? 8.529   4.214   7.232   1.00 0.00 ? 20 ARG A CG   1 
ATOM 289 C CD   . ARG A 1 20 ? 9.252   4.363   8.589   1.00 0.00 ? 20 ARG A CD   1 
ATOM 290 N NE   . ARG A 1 20 ? 8.432   5.196   9.529   1.00 0.00 ? 20 ARG A NE   1 
ATOM 291 C CZ   . ARG A 1 20 ? 7.224   4.834   9.883   1.00 0.00 ? 20 ARG A CZ   1 
ATOM 292 N NH1  . ARG A 1 20 ? 6.925   3.566   9.977   1.00 0.00 ? 20 ARG A NH1  1 
ATOM 293 N NH2  . ARG A 1 20 ? 6.347   5.766   10.132  1.00 0.00 ? 20 ARG A NH2  1 
ATOM 294 H H    . ARG A 1 20 ? 8.361   3.628   4.355   1.00 0.00 ? 20 ARG A H    1 
ATOM 295 H HA   . ARG A 1 20 ? 6.747   4.955   5.317   1.00 0.00 ? 20 ARG A HA   1 
ATOM 296 H HB2  . ARG A 1 20 ? 9.269   6.117   6.530   1.00 0.00 ? 20 ARG A HB2  1 
ATOM 297 H HB3  . ARG A 1 20 ? 7.665   6.191   7.234   1.00 0.00 ? 20 ARG A HB3  1 
ATOM 298 H HG2  . ARG A 1 20 ? 7.575   3.723   7.363   1.00 0.00 ? 20 ARG A HG2  1 
ATOM 299 H HG3  . ARG A 1 20 ? 9.140   3.607   6.579   1.00 0.00 ? 20 ARG A HG3  1 
ATOM 300 H HD2  . ARG A 1 20 ? 9.420   3.392   9.030   1.00 0.00 ? 20 ARG A HD2  1 
ATOM 301 H HD3  . ARG A 1 20 ? 10.206  4.850   8.447   1.00 0.00 ? 20 ARG A HD3  1 
ATOM 302 H HE   . ARG A 1 20 ? 8.806   6.028   9.886   1.00 0.00 ? 20 ARG A HE   1 
ATOM 303 H HH11 . ARG A 1 20 ? 7.616   2.871   9.779   1.00 0.00 ? 20 ARG A HH11 1 
ATOM 304 H HH12 . ARG A 1 20 ? 6.004   3.289   10.249  1.00 0.00 ? 20 ARG A HH12 1 
ATOM 305 H HH21 . ARG A 1 20 ? 6.603   6.729   10.051  1.00 0.00 ? 20 ARG A HH21 1 
ATOM 306 H HH22 . ARG A 1 20 ? 5.417   5.518   10.405  1.00 0.00 ? 20 ARG A HH22 1 
ATOM 307 N N    . SER A 1 21 ? 8.336   7.780   4.774   1.00 0.00 ? 21 SER A N    1 
ATOM 308 C CA   . SER A 1 21 ? 8.133   9.182   4.296   1.00 0.00 ? 21 SER A CA   1 
ATOM 309 C C    . SER A 1 21 ? 9.217   9.595   3.300   1.00 0.00 ? 21 SER A C    1 
ATOM 310 O O    . SER A 1 21 ? 10.334  9.921   3.657   1.00 0.00 ? 21 SER A O    1 
ATOM 311 C CB   . SER A 1 21 ? 8.132   10.128  5.521   1.00 0.00 ? 21 SER A CB   1 
ATOM 312 O OG   . SER A 1 21 ? 7.941   11.434  4.987   1.00 0.00 ? 21 SER A OG   1 
ATOM 313 H H    . SER A 1 21 ? 9.199   7.526   5.165   1.00 0.00 ? 21 SER A H    1 
ATOM 314 H HA   . SER A 1 21 ? 7.176   9.261   3.802   1.00 0.00 ? 21 SER A HA   1 
ATOM 315 H HB2  . SER A 1 21 ? 7.307   9.900   6.180   1.00 0.00 ? 21 SER A HB2  1 
ATOM 316 H HB3  . SER A 1 21 ? 9.064   10.092  6.066   1.00 0.00 ? 21 SER A HB3  1 
ATOM 317 H HG   . SER A 1 21 ? 7.906   11.383  4.028   1.00 0.00 ? 21 SER A HG   1 
ATOM 318 N N    . SER A 1 22 ? 8.810   9.551   2.063   1.00 0.00 ? 22 SER A N    1 
ATOM 319 C CA   . SER A 1 22 ? 9.678   9.911   0.909   1.00 0.00 ? 22 SER A CA   1 
ATOM 320 C C    . SER A 1 22 ? 8.919   11.044  0.213   1.00 0.00 ? 22 SER A C    1 
ATOM 321 O O    . SER A 1 22 ? 9.416   12.140  0.045   1.00 0.00 ? 22 SER A O    1 
ATOM 322 C CB   . SER A 1 22 ? 9.812   8.668   0.022   1.00 0.00 ? 22 SER A CB   1 
ATOM 323 O OG   . SER A 1 22 ? 10.634  9.089   -1.057  1.00 0.00 ? 22 SER A OG   1 
ATOM 324 H H    . SER A 1 22 ? 7.887   9.272   1.884   1.00 0.00 ? 22 SER A H    1 
ATOM 325 H HA   . SER A 1 22 ? 10.639  10.271  1.253   1.00 0.00 ? 22 SER A HA   1 
ATOM 326 H HB2  . SER A 1 22 ? 10.300  7.868   0.558   1.00 0.00 ? 22 SER A HB2  1 
ATOM 327 H HB3  . SER A 1 22 ? 8.857   8.332   -0.355  1.00 0.00 ? 22 SER A HB3  1 
ATOM 328 H HG   . SER A 1 22 ? 10.118  9.017   -1.862  1.00 0.00 ? 22 SER A HG   1 
ATOM 329 N N    . GLN A 1 23 ? 7.716   10.700  -0.164  1.00 0.00 ? 23 GLN A N    1 
ATOM 330 C CA   . GLN A 1 23 ? 6.777   11.623  -0.853  1.00 0.00 ? 23 GLN A CA   1 
ATOM 331 C C    . GLN A 1 23 ? 5.502   11.681  -0.004  1.00 0.00 ? 23 GLN A C    1 
ATOM 332 O O    . GLN A 1 23 ? 5.409   11.056  1.036   1.00 0.00 ? 23 GLN A O    1 
ATOM 333 C CB   . GLN A 1 23 ? 6.469   11.065  -2.250  1.00 0.00 ? 23 GLN A CB   1 
ATOM 334 C CG   . GLN A 1 23 ? 7.735   11.142  -3.129  1.00 0.00 ? 23 GLN A CG   1 
ATOM 335 C CD   . GLN A 1 23 ? 7.491   10.646  -4.566  1.00 0.00 ? 23 GLN A CD   1 
ATOM 336 O OE1  . GLN A 1 23 ? 8.397   10.632  -5.374  1.00 0.00 ? 23 GLN A OE1  1 
ATOM 337 N NE2  . GLN A 1 23 ? 6.310   10.233  -4.945  1.00 0.00 ? 23 GLN A NE2  1 
ATOM 338 H H    . GLN A 1 23 ? 7.402   9.790   0.008   1.00 0.00 ? 23 GLN A H    1 
ATOM 339 H HA   . GLN A 1 23 ? 7.198   12.616  -0.914  1.00 0.00 ? 23 GLN A HA   1 
ATOM 340 H HB2  . GLN A 1 23 ? 6.149   10.037  -2.162  1.00 0.00 ? 23 GLN A HB2  1 
ATOM 341 H HB3  . GLN A 1 23 ? 5.672   11.636  -2.688  1.00 0.00 ? 23 GLN A HB3  1 
ATOM 342 H HG2  . GLN A 1 23 ? 8.055   12.169  -3.183  1.00 0.00 ? 23 GLN A HG2  1 
ATOM 343 H HG3  . GLN A 1 23 ? 8.530   10.555  -2.694  1.00 0.00 ? 23 GLN A HG3  1 
ATOM 344 H HE21 . GLN A 1 23 ? 5.559   10.231  -4.315  1.00 0.00 ? 23 GLN A HE21 1 
ATOM 345 H HE22 . GLN A 1 23 ? 6.177   9.924   -5.864  1.00 0.00 ? 23 GLN A HE22 1 
ATOM 346 N N    . GLU A 1 24 ? 4.557   12.437  -0.488  1.00 0.00 ? 24 GLU A N    1 
ATOM 347 C CA   . GLU A 1 24 ? 3.247   12.603  0.211   1.00 0.00 ? 24 GLU A CA   1 
ATOM 348 C C    . GLU A 1 24 ? 2.211   11.976  -0.720  1.00 0.00 ? 24 GLU A C    1 
ATOM 349 O O    . GLU A 1 24 ? 1.308   11.280  -0.295  1.00 0.00 ? 24 GLU A O    1 
ATOM 350 C CB   . GLU A 1 24 ? 2.967   14.098  0.422   1.00 0.00 ? 24 GLU A CB   1 
ATOM 351 C CG   . GLU A 1 24 ? 4.057   14.682  1.350   1.00 0.00 ? 24 GLU A CG   1 
ATOM 352 C CD   . GLU A 1 24 ? 3.795   16.179  1.590   1.00 0.00 ? 24 GLU A CD   1 
ATOM 353 O OE1  . GLU A 1 24 ? 3.901   16.915  0.621   1.00 0.00 ? 24 GLU A OE1  1 
ATOM 354 O OE2  . GLU A 1 24 ? 3.501   16.505  2.729   1.00 0.00 ? 24 GLU A OE2  1 
ATOM 355 H H    . GLU A 1 24 ? 4.713   12.909  -1.332  1.00 0.00 ? 24 GLU A H    1 
ATOM 356 H HA   . GLU A 1 24 ? 3.257   12.073  1.148   1.00 0.00 ? 24 GLU A HA   1 
ATOM 357 H HB2  . GLU A 1 24 ? 2.966   14.614  -0.528  1.00 0.00 ? 24 GLU A HB2  1 
ATOM 358 H HB3  . GLU A 1 24 ? 1.997   14.217  0.882   1.00 0.00 ? 24 GLU A HB3  1 
ATOM 359 H HG2  . GLU A 1 24 ? 4.052   14.157  2.294   1.00 0.00 ? 24 GLU A HG2  1 
ATOM 360 H HG3  . GLU A 1 24 ? 5.034   14.570  0.906   1.00 0.00 ? 24 GLU A HG3  1 
ATOM 361 N N    . SER A 1 25 ? 2.412   12.271  -1.979  1.00 0.00 ? 25 SER A N    1 
ATOM 362 C CA   . SER A 1 25 ? 1.533   11.772  -3.070  1.00 0.00 ? 25 SER A CA   1 
ATOM 363 C C    . SER A 1 25 ? 2.379   10.882  -4.002  1.00 0.00 ? 25 SER A C    1 
ATOM 364 O O    . SER A 1 25 ? 3.590   10.980  -4.043  1.00 0.00 ? 25 SER A O    1 
ATOM 365 C CB   . SER A 1 25 ? 0.974   13.001  -3.807  1.00 0.00 ? 25 SER A CB   1 
ATOM 366 O OG   . SER A 1 25 ? 0.235   12.491  -4.904  1.00 0.00 ? 25 SER A OG   1 
ATOM 367 H H    . SER A 1 25 ? 3.172   12.842  -2.214  1.00 0.00 ? 25 SER A H    1 
ATOM 368 H HA   . SER A 1 25 ? 0.730   11.185  -2.643  1.00 0.00 ? 25 SER A HA   1 
ATOM 369 H HB2  . SER A 1 25 ? 0.312   13.566  -3.168  1.00 0.00 ? 25 SER A HB2  1 
ATOM 370 H HB3  . SER A 1 25 ? 1.763   13.637  -4.180  1.00 0.00 ? 25 SER A HB3  1 
ATOM 371 H HG   . SER A 1 25 ? -0.678  12.773  -4.811  1.00 0.00 ? 25 SER A HG   1 
ATOM 372 N N    . TYR A 1 26 ? 1.682   10.042  -4.719  1.00 0.00 ? 26 TYR A N    1 
ATOM 373 C CA   . TYR A 1 26 ? 2.284   9.080   -5.699  1.00 0.00 ? 26 TYR A CA   1 
ATOM 374 C C    . TYR A 1 26 ? 1.530   9.285   -7.015  1.00 0.00 ? 26 TYR A C    1 
ATOM 375 O O    . TYR A 1 26 ? 0.564   10.018  -7.038  1.00 0.00 ? 26 TYR A O    1 
ATOM 376 C CB   . TYR A 1 26 ? 2.092   7.624   -5.193  1.00 0.00 ? 26 TYR A CB   1 
ATOM 377 C CG   . TYR A 1 26 ? 2.681   7.481   -3.778  1.00 0.00 ? 26 TYR A CG   1 
ATOM 378 C CD1  . TYR A 1 26 ? 1.975   7.961   -2.691  1.00 0.00 ? 26 TYR A CD1  1 
ATOM 379 C CD2  . TYR A 1 26 ? 3.915   6.890   -3.567  1.00 0.00 ? 26 TYR A CD2  1 
ATOM 380 C CE1  . TYR A 1 26 ? 2.487   7.857   -1.416  1.00 0.00 ? 26 TYR A CE1  1 
ATOM 381 C CE2  . TYR A 1 26 ? 4.426   6.787   -2.286  1.00 0.00 ? 26 TYR A CE2  1 
ATOM 382 C CZ   . TYR A 1 26 ? 3.717   7.269   -1.203  1.00 0.00 ? 26 TYR A CZ   1 
ATOM 383 O OH   . TYR A 1 26 ? 4.228   7.171   0.076   1.00 0.00 ? 26 TYR A OH   1 
ATOM 384 H H    . TYR A 1 26 ? 0.715   10.056  -4.601  1.00 0.00 ? 26 TYR A H    1 
ATOM 385 H HA   . TYR A 1 26 ? 3.329   9.303   -5.856  1.00 0.00 ? 26 TYR A HA   1 
ATOM 386 H HB2  . TYR A 1 26 ? 1.039   7.383   -5.155  1.00 0.00 ? 26 TYR A HB2  1 
ATOM 387 H HB3  . TYR A 1 26 ? 2.581   6.922   -5.852  1.00 0.00 ? 26 TYR A HB3  1 
ATOM 388 H HD1  . TYR A 1 26 ? 1.010   8.419   -2.844  1.00 0.00 ? 26 TYR A HD1  1 
ATOM 389 H HD2  . TYR A 1 26 ? 4.485   6.507   -4.404  1.00 0.00 ? 26 TYR A HD2  1 
ATOM 390 H HE1  . TYR A 1 26 ? 1.921   8.239   -0.581  1.00 0.00 ? 26 TYR A HE1  1 
ATOM 391 H HE2  . TYR A 1 26 ? 5.391   6.324   -2.131  1.00 0.00 ? 26 TYR A HE2  1 
ATOM 392 H HH   . TYR A 1 26 ? 3.806   7.845   0.616   1.00 0.00 ? 26 TYR A HH   1 
ATOM 393 N N    . ALA A 1 27 ? 1.957   8.642   -8.072  1.00 0.00 ? 27 ALA A N    1 
ATOM 394 C CA   . ALA A 1 27 ? 1.245   8.817   -9.382  1.00 0.00 ? 27 ALA A CA   1 
ATOM 395 C C    . ALA A 1 27 ? 0.331   7.625   -9.656  1.00 0.00 ? 27 ALA A C    1 
ATOM 396 O O    . ALA A 1 27 ? 0.352   6.632   -8.957  1.00 0.00 ? 27 ALA A O    1 
ATOM 397 C CB   . ALA A 1 27 ? 2.268   8.921   -10.524 1.00 0.00 ? 27 ALA A CB   1 
ATOM 398 H H    . ALA A 1 27 ? 2.736   8.053   -8.003  1.00 0.00 ? 27 ALA A H    1 
ATOM 399 H HA   . ALA A 1 27 ? 0.647   9.718   -9.359  1.00 0.00 ? 27 ALA A HA   1 
ATOM 400 H HB1  . ALA A 1 27 ? 2.921   9.764   -10.371 1.00 0.00 ? 27 ALA A HB1  1 
ATOM 401 H HB2  . ALA A 1 27 ? 2.864   8.021   -10.581 1.00 0.00 ? 27 ALA A HB2  1 
ATOM 402 H HB3  . ALA A 1 27 ? 1.759   9.049   -11.469 1.00 0.00 ? 27 ALA A HB3  1 
ATOM 403 N N    . HIS A 1 28 ? -0.454  7.769   -10.693 1.00 0.00 ? 28 HIS A N    1 
ATOM 404 C CA   . HIS A 1 28 ? -1.401  6.681   -11.080 1.00 0.00 ? 28 HIS A CA   1 
ATOM 405 C C    . HIS A 1 28 ? -0.585  5.558   -11.732 1.00 0.00 ? 28 HIS A C    1 
ATOM 406 O O    . HIS A 1 28 ? 0.262   5.820   -12.565 1.00 0.00 ? 28 HIS A O    1 
ATOM 407 C CB   . HIS A 1 28 ? -2.430  7.231   -12.084 1.00 0.00 ? 28 HIS A CB   1 
ATOM 408 C CG   . HIS A 1 28 ? -1.706  7.934   -13.244 1.00 0.00 ? 28 HIS A CG   1 
ATOM 409 N ND1  . HIS A 1 28 ? -1.172  9.108   -13.184 1.00 0.00 ? 28 HIS A ND1  1 
ATOM 410 C CD2  . HIS A 1 28 ? -1.457  7.514   -14.537 1.00 0.00 ? 28 HIS A CD2  1 
ATOM 411 C CE1  . HIS A 1 28 ? -0.639  9.407   -14.325 1.00 0.00 ? 28 HIS A CE1  1 
ATOM 412 N NE2  . HIS A 1 28 ? -0.792  8.442   -15.197 1.00 0.00 ? 28 HIS A NE2  1 
ATOM 413 H H    . HIS A 1 28 ? -0.421  8.596   -11.217 1.00 0.00 ? 28 HIS A H    1 
ATOM 414 H HA   . HIS A 1 28 ? -1.900  6.304   -10.199 1.00 0.00 ? 28 HIS A HA   1 
ATOM 415 H HB2  . HIS A 1 28 ? -3.025  6.424   -12.486 1.00 0.00 ? 28 HIS A HB2  1 
ATOM 416 H HB3  . HIS A 1 28 ? -3.084  7.940   -11.602 1.00 0.00 ? 28 HIS A HB3  1 
ATOM 417 H HD1  . HIS A 1 28 ? -1.171  9.686   -12.392 1.00 0.00 ? 28 HIS A HD1  1 
ATOM 418 H HD2  . HIS A 1 28 ? -1.758  6.563   -14.944 1.00 0.00 ? 28 HIS A HD2  1 
ATOM 419 H HE1  . HIS A 1 28 ? -0.129  10.336  -14.534 1.00 0.00 ? 28 HIS A HE1  1 
ATOM 420 N N    . GLY A 1 29 ? -0.866  4.350   -11.320 1.00 0.00 ? 29 GLY A N    1 
ATOM 421 C CA   . GLY A 1 29 ? -0.150  3.170   -11.870 1.00 0.00 ? 29 GLY A CA   1 
ATOM 422 C C    . GLY A 1 29 ? 0.684   2.544   -10.758 1.00 0.00 ? 29 GLY A C    1 
ATOM 423 O O    . GLY A 1 29 ? 0.768   1.334   -10.673 1.00 0.00 ? 29 GLY A O    1 
ATOM 424 H H    . GLY A 1 29 ? -1.550  4.207   -10.638 1.00 0.00 ? 29 GLY A H    1 
ATOM 425 H HA2  . GLY A 1 29 ? -0.876  2.451   -12.221 1.00 0.00 ? 29 GLY A HA2  1 
ATOM 426 H HA3  . GLY A 1 29 ? 0.501   3.457   -12.682 1.00 0.00 ? 29 GLY A HA3  1 
ATOM 427 N N    . THR A 1 30 ? 1.264   3.408   -9.952  1.00 0.00 ? 30 THR A N    1 
ATOM 428 C CA   . THR A 1 30 ? 2.136   2.988   -8.800  1.00 0.00 ? 30 THR A CA   1 
ATOM 429 C C    . THR A 1 30 ? 1.688   1.670   -8.153  1.00 0.00 ? 30 THR A C    1 
ATOM 430 O O    . THR A 1 30 ? 0.510   1.481   -7.915  1.00 0.00 ? 30 THR A O    1 
ATOM 431 C CB   . THR A 1 30 ? 2.148   4.099   -7.716  1.00 0.00 ? 30 THR A CB   1 
ATOM 432 O OG1  . THR A 1 30 ? 2.669   5.251   -8.366  1.00 0.00 ? 30 THR A OG1  1 
ATOM 433 C CG2  . THR A 1 30 ? 3.221   3.789   -6.646  1.00 0.00 ? 30 THR A CG2  1 
ATOM 434 H H    . THR A 1 30 ? 1.104   4.363   -10.104 1.00 0.00 ? 30 THR A H    1 
ATOM 435 H HA   . THR A 1 30 ? 3.148   2.879   -9.157  1.00 0.00 ? 30 THR A HA   1 
ATOM 436 H HB   . THR A 1 30 ? 1.175   4.312   -7.297  1.00 0.00 ? 30 THR A HB   1 
ATOM 437 H HG1  . THR A 1 30 ? 2.111   5.999   -8.142  1.00 0.00 ? 30 THR A HG1  1 
ATOM 438 H HG21 . THR A 1 30 ? 4.201   3.724   -7.101  1.00 0.00 ? 30 THR A HG21 1 
ATOM 439 H HG22 . THR A 1 30 ? 3.243   4.561   -5.890  1.00 0.00 ? 30 THR A HG22 1 
ATOM 440 H HG23 . THR A 1 30 ? 3.005   2.846   -6.170  1.00 0.00 ? 30 THR A HG23 1 
ATOM 441 N N    . LYS A 1 31 ? 2.644   0.812   -7.902  1.00 0.00 ? 31 LYS A N    1 
ATOM 442 C CA   . LYS A 1 31 ? 2.364   -0.512  -7.270  1.00 0.00 ? 31 LYS A CA   1 
ATOM 443 C C    . LYS A 1 31 ? 3.326   -0.624  -6.080  1.00 0.00 ? 31 LYS A C    1 
ATOM 444 O O    . LYS A 1 31 ? 4.515   -0.805  -6.264  1.00 0.00 ? 31 LYS A O    1 
ATOM 445 C CB   . LYS A 1 31 ? 2.638   -1.689  -8.252  1.00 0.00 ? 31 LYS A CB   1 
ATOM 446 C CG   . LYS A 1 31 ? 2.009   -1.455  -9.653  1.00 0.00 ? 31 LYS A CG   1 
ATOM 447 C CD   . LYS A 1 31 ? 3.014   -0.732  -10.598 1.00 0.00 ? 31 LYS A CD   1 
ATOM 448 C CE   . LYS A 1 31 ? 4.164   -1.695  -10.983 1.00 0.00 ? 31 LYS A CE   1 
ATOM 449 N NZ   . LYS A 1 31 ? 5.155   -0.997  -11.848 1.00 0.00 ? 31 LYS A NZ   1 
ATOM 450 H H    . LYS A 1 31 ? 3.567   1.045   -8.134  1.00 0.00 ? 31 LYS A H    1 
ATOM 451 H HA   . LYS A 1 31 ? 1.344   -0.548  -6.912  1.00 0.00 ? 31 LYS A HA   1 
ATOM 452 H HB2  . LYS A 1 31 ? 3.701   -1.846  -8.339  1.00 0.00 ? 31 LYS A HB2  1 
ATOM 453 H HB3  . LYS A 1 31 ? 2.205   -2.584  -7.830  1.00 0.00 ? 31 LYS A HB3  1 
ATOM 454 H HG2  . LYS A 1 31 ? 1.731   -2.407  -10.083 1.00 0.00 ? 31 LYS A HG2  1 
ATOM 455 H HG3  . LYS A 1 31 ? 1.113   -0.862  -9.554  1.00 0.00 ? 31 LYS A HG3  1 
ATOM 456 H HD2  . LYS A 1 31 ? 2.500   -0.417  -11.495 1.00 0.00 ? 31 LYS A HD2  1 
ATOM 457 H HD3  . LYS A 1 31 ? 3.426   0.142   -10.119 1.00 0.00 ? 31 LYS A HD3  1 
ATOM 458 H HE2  . LYS A 1 31 ? 4.684   -2.059  -10.112 1.00 0.00 ? 31 LYS A HE2  1 
ATOM 459 H HE3  . LYS A 1 31 ? 3.769   -2.540  -11.528 1.00 0.00 ? 31 LYS A HE3  1 
ATOM 460 H HZ1  . LYS A 1 31 ? 4.855   -0.014  -12.003 1.00 0.00 ? 31 LYS A HZ1  1 
ATOM 461 H HZ2  . LYS A 1 31 ? 6.082   -1.009  -11.376 1.00 0.00 ? 31 LYS A HZ2  1 
ATOM 462 H HZ3  . LYS A 1 31 ? 5.225   -1.488  -12.762 1.00 0.00 ? 31 LYS A HZ3  1 
ATOM 463 N N    . LEU A 1 32 ? 2.789   -0.513  -4.896  1.00 0.00 ? 32 LEU A N    1 
ATOM 464 C CA   . LEU A 1 32 ? 3.627   -0.604  -3.656  1.00 0.00 ? 32 LEU A CA   1 
ATOM 465 C C    . LEU A 1 32 ? 3.357   -1.976  -3.041  1.00 0.00 ? 32 LEU A C    1 
ATOM 466 O O    . LEU A 1 32 ? 2.318   -2.544  -3.307  1.00 0.00 ? 32 LEU A O    1 
ATOM 467 C CB   . LEU A 1 32 ? 3.214   0.493   -2.656  1.00 0.00 ? 32 LEU A CB   1 
ATOM 468 C CG   . LEU A 1 32 ? 3.342   1.917   -3.261  1.00 0.00 ? 32 LEU A CG   1 
ATOM 469 C CD1  . LEU A 1 32 ? 2.850   2.948   -2.221  1.00 0.00 ? 32 LEU A CD1  1 
ATOM 470 C CD2  . LEU A 1 32 ? 4.816   2.235   -3.600  1.00 0.00 ? 32 LEU A CD2  1 
ATOM 471 H H    . LEU A 1 32 ? 1.823   -0.384  -4.818  1.00 0.00 ? 32 LEU A H    1 
ATOM 472 H HA   . LEU A 1 32 ? 4.676   -0.526  -3.898  1.00 0.00 ? 32 LEU A HA   1 
ATOM 473 H HB2  . LEU A 1 32 ? 2.186   0.331   -2.372  1.00 0.00 ? 32 LEU A HB2  1 
ATOM 474 H HB3  . LEU A 1 32 ? 3.827   0.415   -1.771  1.00 0.00 ? 32 LEU A HB3  1 
ATOM 475 H HG   . LEU A 1 32 ? 2.734   1.995   -4.152  1.00 0.00 ? 32 LEU A HG   1 
ATOM 476 H HD11 . LEU A 1 32 ? 1.822   2.748   -1.955  1.00 0.00 ? 32 LEU A HD11 1 
ATOM 477 H HD12 . LEU A 1 32 ? 3.457   2.898   -1.328  1.00 0.00 ? 32 LEU A HD12 1 
ATOM 478 H HD13 . LEU A 1 32 ? 2.914   3.945   -2.631  1.00 0.00 ? 32 LEU A HD13 1 
ATOM 479 H HD21 . LEU A 1 32 ? 5.425   2.175   -2.709  1.00 0.00 ? 32 LEU A HD21 1 
ATOM 480 H HD22 . LEU A 1 32 ? 5.202   1.542   -4.331  1.00 0.00 ? 32 LEU A HD22 1 
ATOM 481 H HD23 . LEU A 1 32 ? 4.893   3.235   -4.003  1.00 0.00 ? 32 LEU A HD23 1 
ATOM 482 N N    . SER A 1 33 ? 4.263   -2.473  -2.236  1.00 0.00 ? 33 SER A N    1 
ATOM 483 C CA   . SER A 1 33 ? 4.037   -3.815  -1.608  1.00 0.00 ? 33 SER A CA   1 
ATOM 484 C C    . SER A 1 33 ? 3.693   -3.599  -0.136  1.00 0.00 ? 33 SER A C    1 
ATOM 485 O O    . SER A 1 33 ? 3.749   -2.478  0.340   1.00 0.00 ? 33 SER A O    1 
ATOM 486 C CB   . SER A 1 33 ? 5.314   -4.668  -1.762  1.00 0.00 ? 33 SER A CB   1 
ATOM 487 O OG   . SER A 1 33 ? 5.480   -4.745  -3.171  1.00 0.00 ? 33 SER A OG   1 
ATOM 488 H H    . SER A 1 33 ? 5.083   -1.971  -2.046  1.00 0.00 ? 33 SER A H    1 
ATOM 489 H HA   . SER A 1 33 ? 3.221   -4.319  -2.087  1.00 0.00 ? 33 SER A HA   1 
ATOM 490 H HB2  . SER A 1 33 ? 6.191   -4.222  -1.326  1.00 0.00 ? 33 SER A HB2  1 
ATOM 491 H HB3  . SER A 1 33 ? 5.166   -5.665  -1.372  1.00 0.00 ? 33 SER A HB3  1 
ATOM 492 H HG   . SER A 1 33 ? 6.349   -4.395  -3.379  1.00 0.00 ? 33 SER A HG   1 
ATOM 493 N N    . TYR A 1 34 ? 3.344   -4.658  0.553   1.00 0.00 ? 34 TYR A N    1 
ATOM 494 C CA   . TYR A 1 34 ? 2.987   -4.493  2.000   1.00 0.00 ? 34 TYR A CA   1 
ATOM 495 C C    . TYR A 1 34 ? 3.861   -5.393  2.887   1.00 0.00 ? 34 TYR A C    1 
ATOM 496 O O    . TYR A 1 34 ? 4.501   -6.301  2.391   1.00 0.00 ? 34 TYR A O    1 
ATOM 497 C CB   . TYR A 1 34 ? 1.497   -4.860  2.096   1.00 0.00 ? 34 TYR A CB   1 
ATOM 498 C CG   . TYR A 1 34 ? 0.675   -3.604  2.376   1.00 0.00 ? 34 TYR A CG   1 
ATOM 499 C CD1  . TYR A 1 34 ? 0.704   -2.980  3.600   1.00 0.00 ? 34 TYR A CD1  1 
ATOM 500 C CD2  . TYR A 1 34 ? -0.109  -3.076  1.368   1.00 0.00 ? 34 TYR A CD2  1 
ATOM 501 C CE1  . TYR A 1 34 ? -0.037  -1.839  3.820   1.00 0.00 ? 34 TYR A CE1  1 
ATOM 502 C CE2  . TYR A 1 34 ? -0.849  -1.940  1.586   1.00 0.00 ? 34 TYR A CE2  1 
ATOM 503 C CZ   . TYR A 1 34 ? -0.817  -1.314  2.810   1.00 0.00 ? 34 TYR A CZ   1 
ATOM 504 O OH   . TYR A 1 34 ? -1.565  -0.179  3.016   1.00 0.00 ? 34 TYR A OH   1 
ATOM 505 H H    . TYR A 1 34 ? 3.315   -5.537  0.122   1.00 0.00 ? 34 TYR A H    1 
ATOM 506 H HA   . TYR A 1 34 ? 3.146   -3.474  2.319   1.00 0.00 ? 34 TYR A HA   1 
ATOM 507 H HB2  . TYR A 1 34 ? 1.145   -5.317  1.182   1.00 0.00 ? 34 TYR A HB2  1 
ATOM 508 H HB3  . TYR A 1 34 ? 1.328   -5.562  2.899   1.00 0.00 ? 34 TYR A HB3  1 
ATOM 509 H HD1  . TYR A 1 34 ? 1.307   -3.396  4.391   1.00 0.00 ? 34 TYR A HD1  1 
ATOM 510 H HD2  . TYR A 1 34 ? -0.145  -3.556  0.400   1.00 0.00 ? 34 TYR A HD2  1 
ATOM 511 H HE1  . TYR A 1 34 ? -0.003  -1.355  4.786   1.00 0.00 ? 34 TYR A HE1  1 
ATOM 512 H HE2  . TYR A 1 34 ? -1.456  -1.532  0.792   1.00 0.00 ? 34 TYR A HE2  1 
ATOM 513 H HH   . TYR A 1 34 ? -1.974  0.063   2.183   1.00 0.00 ? 34 TYR A HH   1 
ATOM 514 N N    . THR A 1 35 ? 3.859   -5.111  4.172   1.00 0.00 ? 35 THR A N    1 
ATOM 515 C CA   . THR A 1 35 ? 4.659   -5.917  5.152   1.00 0.00 ? 35 THR A CA   1 
ATOM 516 C C    . THR A 1 35 ? 3.940   -5.976  6.509   1.00 0.00 ? 35 THR A C    1 
ATOM 517 O O    . THR A 1 35 ? 3.298   -5.023  6.906   1.00 0.00 ? 35 THR A O    1 
ATOM 518 C CB   . THR A 1 35 ? 6.056   -5.275  5.347   1.00 0.00 ? 35 THR A CB   1 
ATOM 519 O OG1  . THR A 1 35 ? 6.703   -5.369  4.089   1.00 0.00 ? 35 THR A OG1  1 
ATOM 520 C CG2  . THR A 1 35 ? 6.951   -6.124  6.264   1.00 0.00 ? 35 THR A CG2  1 
ATOM 521 H H    . THR A 1 35 ? 3.340   -4.352  4.510   1.00 0.00 ? 35 THR A H    1 
ATOM 522 H HA   . THR A 1 35 ? 4.761   -6.928  4.779   1.00 0.00 ? 35 THR A HA   1 
ATOM 523 H HB   . THR A 1 35 ? 6.002   -4.238  5.654   1.00 0.00 ? 35 THR A HB   1 
ATOM 524 H HG1  . THR A 1 35 ? 6.044   -5.269  3.400   1.00 0.00 ? 35 THR A HG1  1 
ATOM 525 H HG21 . THR A 1 35 ? 7.065   -7.121  5.863   1.00 0.00 ? 35 THR A HG21 1 
ATOM 526 H HG22 . THR A 1 35 ? 7.924   -5.668  6.349   1.00 0.00 ? 35 THR A HG22 1 
ATOM 527 H HG23 . THR A 1 35 ? 6.518   -6.193  7.249   1.00 0.00 ? 35 THR A HG23 1 
ATOM 528 N N    . CYS A 1 36 ? 4.088   -7.095  7.177   1.00 0.00 ? 36 CYS A N    1 
ATOM 529 C CA   . CYS A 1 36 ? 3.452   -7.304  8.515   1.00 0.00 ? 36 CYS A CA   1 
ATOM 530 C C    . CYS A 1 36 ? 4.551   -7.491  9.569   1.00 0.00 ? 36 CYS A C    1 
ATOM 531 O O    . CYS A 1 36 ? 5.690   -7.754  9.230   1.00 0.00 ? 36 CYS A O    1 
ATOM 532 C CB   . CYS A 1 36 ? 2.587   -8.543  8.461   1.00 0.00 ? 36 CYS A CB   1 
ATOM 533 S SG   . CYS A 1 36 ? 1.313   -8.592  7.181   1.00 0.00 ? 36 CYS A SG   1 
ATOM 534 H H    . CYS A 1 36 ? 4.624   -7.818  6.796   1.00 0.00 ? 36 CYS A H    1 
ATOM 535 H HA   . CYS A 1 36 ? 2.837   -6.455  8.776   1.00 0.00 ? 36 CYS A HA   1 
ATOM 536 H HB2  . CYS A 1 36 ? 3.219   -9.407  8.324   1.00 0.00 ? 36 CYS A HB2  1 
ATOM 537 H HB3  . CYS A 1 36 ? 2.086   -8.643  9.412   1.00 0.00 ? 36 CYS A HB3  1 
ATOM 538 N N    . GLU A 1 37 ? 4.171   -7.345  10.817  1.00 0.00 ? 37 GLU A N    1 
ATOM 539 C CA   . GLU A 1 37 ? 5.137   -7.503  11.950  1.00 0.00 ? 37 GLU A CA   1 
ATOM 540 C C    . GLU A 1 37 ? 5.965   -8.799  11.883  1.00 0.00 ? 37 GLU A C    1 
ATOM 541 O O    . GLU A 1 37 ? 5.685   -9.689  11.100  1.00 0.00 ? 37 GLU A O    1 
ATOM 542 C CB   . GLU A 1 37 ? 4.345   -7.439  13.288  1.00 0.00 ? 37 GLU A CB   1 
ATOM 543 C CG   . GLU A 1 37 ? 3.240   -6.347  13.214  1.00 0.00 ? 37 GLU A CG   1 
ATOM 544 C CD   . GLU A 1 37 ? 2.668   -6.031  14.608  1.00 0.00 ? 37 GLU A CD   1 
ATOM 545 O OE1  . GLU A 1 37 ? 2.172   -6.949  15.237  1.00 0.00 ? 37 GLU A OE1  1 
ATOM 546 O OE2  . GLU A 1 37 ? 2.760   -4.868  14.968  1.00 0.00 ? 37 GLU A OE2  1 
ATOM 547 H H    . GLU A 1 37 ? 3.237   -7.130  11.013  1.00 0.00 ? 37 GLU A H    1 
ATOM 548 H HA   . GLU A 1 37 ? 5.825   -6.670  11.918  1.00 0.00 ? 37 GLU A HA   1 
ATOM 549 H HB2  . GLU A 1 37 ? 3.882   -8.395  13.469  1.00 0.00 ? 37 GLU A HB2  1 
ATOM 550 H HB3  . GLU A 1 37 ? 5.019   -7.231  14.102  1.00 0.00 ? 37 GLU A HB3  1 
ATOM 551 H HG2  . GLU A 1 37 ? 3.661   -5.448  12.787  1.00 0.00 ? 37 GLU A HG2  1 
ATOM 552 H HG3  . GLU A 1 37 ? 2.428   -6.678  12.585  1.00 0.00 ? 37 GLU A HG3  1 
ATOM 553 N N    . GLY A 1 38 ? 6.963   -8.865  12.726  1.00 0.00 ? 38 GLY A N    1 
ATOM 554 C CA   . GLY A 1 38 ? 7.857   -10.062 12.766  1.00 0.00 ? 38 GLY A CA   1 
ATOM 555 C C    . GLY A 1 38 ? 7.188   -11.269 13.435  1.00 0.00 ? 38 GLY A C    1 
ATOM 556 O O    . GLY A 1 38 ? 7.396   -11.529 14.604  1.00 0.00 ? 38 GLY A O    1 
ATOM 557 H H    . GLY A 1 38 ? 7.128   -8.120  13.343  1.00 0.00 ? 38 GLY A H    1 
ATOM 558 H HA2  . GLY A 1 38 ? 8.134   -10.333 11.756  1.00 0.00 ? 38 GLY A HA2  1 
ATOM 559 H HA3  . GLY A 1 38 ? 8.755   -9.811  13.310  1.00 0.00 ? 38 GLY A HA3  1 
ATOM 560 N N    . GLY A 1 39 ? 6.402   -11.961 12.648  1.00 0.00 ? 39 GLY A N    1 
ATOM 561 C CA   . GLY A 1 39 ? 5.668   -13.173 13.127  1.00 0.00 ? 39 GLY A CA   1 
ATOM 562 C C    . GLY A 1 39 ? 4.211   -13.217 12.649  1.00 0.00 ? 39 GLY A C    1 
ATOM 563 O O    . GLY A 1 39 ? 3.404   -13.918 13.229  1.00 0.00 ? 39 GLY A O    1 
ATOM 564 H H    . GLY A 1 39 ? 6.292   -11.674 11.717  1.00 0.00 ? 39 GLY A H    1 
ATOM 565 H HA2  . GLY A 1 39 ? 6.178   -14.051 12.753  1.00 0.00 ? 39 GLY A HA2  1 
ATOM 566 H HA3  . GLY A 1 39 ? 5.679   -13.199 14.207  1.00 0.00 ? 39 GLY A HA3  1 
ATOM 567 N N    . PHE A 1 40 ? 3.916   -12.470 11.612  1.00 0.00 ? 40 PHE A N    1 
ATOM 568 C CA   . PHE A 1 40 ? 2.528   -12.434 11.040  1.00 0.00 ? 40 PHE A CA   1 
ATOM 569 C C    . PHE A 1 40 ? 2.633   -12.931 9.600   1.00 0.00 ? 40 PHE A C    1 
ATOM 570 O O    . PHE A 1 40 ? 3.655   -12.752 8.962   1.00 0.00 ? 40 PHE A O    1 
ATOM 571 C CB   . PHE A 1 40 ? 1.964   -10.984 11.032  1.00 0.00 ? 40 PHE A CB   1 
ATOM 572 C CG   . PHE A 1 40 ? 1.598   -10.520 12.454  1.00 0.00 ? 40 PHE A CG   1 
ATOM 573 C CD1  . PHE A 1 40 ? 2.535   -10.460 13.471  1.00 0.00 ? 40 PHE A CD1  1 
ATOM 574 C CD2  . PHE A 1 40 ? 0.290   -10.155 12.730  1.00 0.00 ? 40 PHE A CD2  1 
ATOM 575 C CE1  . PHE A 1 40 ? 2.172   -10.047 14.735  1.00 0.00 ? 40 PHE A CE1  1 
ATOM 576 C CE2  . PHE A 1 40 ? -0.073  -9.742  13.995  1.00 0.00 ? 40 PHE A CE2  1 
ATOM 577 C CZ   . PHE A 1 40 ? 0.868   -9.688  14.999  1.00 0.00 ? 40 PHE A CZ   1 
ATOM 578 H H    . PHE A 1 40 ? 4.610   -11.916 11.200  1.00 0.00 ? 40 PHE A H    1 
ATOM 579 H HA   . PHE A 1 40 ? 1.874   -13.094 11.594  1.00 0.00 ? 40 PHE A HA   1 
ATOM 580 H HB2  . PHE A 1 40 ? 2.684   -10.302 10.610  1.00 0.00 ? 40 PHE A HB2  1 
ATOM 581 H HB3  . PHE A 1 40 ? 1.080   -10.937 10.411  1.00 0.00 ? 40 PHE A HB3  1 
ATOM 582 H HD1  . PHE A 1 40 ? 3.561   -10.731 13.278  1.00 0.00 ? 40 PHE A HD1  1 
ATOM 583 H HD2  . PHE A 1 40 ? -0.457  -10.191 11.951  1.00 0.00 ? 40 PHE A HD2  1 
ATOM 584 H HE1  . PHE A 1 40 ? 2.913   -10.004 15.520  1.00 0.00 ? 40 PHE A HE1  1 
ATOM 585 H HE2  . PHE A 1 40 ? -1.095  -9.459  14.203  1.00 0.00 ? 40 PHE A HE2  1 
ATOM 586 H HZ   . PHE A 1 40 ? 0.585   -9.363  15.992  1.00 0.00 ? 40 PHE A HZ   1 
ATOM 587 N N    . ARG A 1 41 ? 1.574   -13.534 9.124   1.00 0.00 ? 41 ARG A N    1 
ATOM 588 C CA   . ARG A 1 41 ? 1.554   -14.060 7.730   1.00 0.00 ? 41 ARG A CA   1 
ATOM 589 C C    . ARG A 1 41 ? 0.609   -13.121 6.979   1.00 0.00 ? 41 ARG A C    1 
ATOM 590 O O    . ARG A 1 41 ? -0.349  -12.655 7.555   1.00 0.00 ? 41 ARG A O    1 
ATOM 591 C CB   . ARG A 1 41 ? 0.986   -15.483 7.718   1.00 0.00 ? 41 ARG A CB   1 
ATOM 592 C CG   . ARG A 1 41 ? 1.696   -16.437 8.715   1.00 0.00 ? 41 ARG A CG   1 
ATOM 593 C CD   . ARG A 1 41 ? 3.214   -16.581 8.487   1.00 0.00 ? 41 ARG A CD   1 
ATOM 594 N NE   . ARG A 1 41 ? 3.489   -17.175 7.139   1.00 0.00 ? 41 ARG A NE   1 
ATOM 595 C CZ   . ARG A 1 41 ? 4.564   -16.834 6.470   1.00 0.00 ? 41 ARG A CZ   1 
ATOM 596 N NH1  . ARG A 1 41 ? 5.639   -16.481 7.126   1.00 0.00 ? 41 ARG A NH1  1 
ATOM 597 N NH2  . ARG A 1 41 ? 4.540   -16.859 5.166   1.00 0.00 ? 41 ARG A NH2  1 
ATOM 598 H H    . ARG A 1 41 ? 0.777   -13.654 9.678   1.00 0.00 ? 41 ARG A H    1 
ATOM 599 H HA   . ARG A 1 41 ? 2.536   -14.021 7.284   1.00 0.00 ? 41 ARG A HA   1 
ATOM 600 H HB2  . ARG A 1 41 ? -0.060  -15.445 7.988   1.00 0.00 ? 41 ARG A HB2  1 
ATOM 601 H HB3  . ARG A 1 41 ? 1.055   -15.874 6.720   1.00 0.00 ? 41 ARG A HB3  1 
ATOM 602 H HG2  . ARG A 1 41 ? 1.520   -16.098 9.725   1.00 0.00 ? 41 ARG A HG2  1 
ATOM 603 H HG3  . ARG A 1 41 ? 1.249   -17.416 8.616   1.00 0.00 ? 41 ARG A HG3  1 
ATOM 604 H HD2  . ARG A 1 41 ? 3.693   -15.614 8.557   1.00 0.00 ? 41 ARG A HD2  1 
ATOM 605 H HD3  . ARG A 1 41 ? 3.640   -17.233 9.237   1.00 0.00 ? 41 ARG A HD3  1 
ATOM 606 H HE   . ARG A 1 41 ? 2.860   -17.821 6.752   1.00 0.00 ? 41 ARG A HE   1 
ATOM 607 H HH11 . ARG A 1 41 ? 5.631   -16.470 8.126   1.00 0.00 ? 41 ARG A HH11 1 
ATOM 608 H HH12 . ARG A 1 41 ? 6.469   -16.223 6.631   1.00 0.00 ? 41 ARG A HH12 1 
ATOM 609 H HH21 . ARG A 1 41 ? 3.709   -17.132 4.683   1.00 0.00 ? 41 ARG A HH21 1 
ATOM 610 H HH22 . ARG A 1 41 ? 5.358   -16.605 4.650   1.00 0.00 ? 41 ARG A HH22 1 
ATOM 611 N N    . ILE A 1 42 ? 0.875   -12.864 5.730   1.00 0.00 ? 42 ILE A N    1 
ATOM 612 C CA   . ILE A 1 42 ? -0.023  -11.950 4.957   1.00 0.00 ? 42 ILE A CA   1 
ATOM 613 C C    . ILE A 1 42 ? -0.796  -12.813 3.959   1.00 0.00 ? 42 ILE A C    1 
ATOM 614 O O    . ILE A 1 42 ? -0.319  -13.848 3.529   1.00 0.00 ? 42 ILE A O    1 
ATOM 615 C CB   . ILE A 1 42 ? 0.856   -10.895 4.221   1.00 0.00 ? 42 ILE A CB   1 
ATOM 616 C CG1  . ILE A 1 42 ? -0.032  -9.789  3.553   1.00 0.00 ? 42 ILE A CG1  1 
ATOM 617 C CG2  . ILE A 1 42 ? 1.735   -11.588 3.150   1.00 0.00 ? 42 ILE A CG2  1 
ATOM 618 C CD1  . ILE A 1 42 ? -0.240  -8.593  4.491   1.00 0.00 ? 42 ILE A CD1  1 
ATOM 619 H H    . ILE A 1 42 ? 1.657   -13.268 5.299   1.00 0.00 ? 42 ILE A H    1 
ATOM 620 H HA   . ILE A 1 42 ? -0.724  -11.454 5.611   1.00 0.00 ? 42 ILE A HA   1 
ATOM 621 H HB   . ILE A 1 42 ? 1.517   -10.435 4.941   1.00 0.00 ? 42 ILE A HB   1 
ATOM 622 H HG12 . ILE A 1 42 ? 0.440   -9.414  2.668   1.00 0.00 ? 42 ILE A HG12 1 
ATOM 623 H HG13 . ILE A 1 42 ? -0.995  -10.182 3.270   1.00 0.00 ? 42 ILE A HG13 1 
ATOM 624 H HG21 . ILE A 1 42 ? 2.356   -12.339 3.615   1.00 0.00 ? 42 ILE A HG21 1 
ATOM 625 H HG22 . ILE A 1 42 ? 1.123   -12.064 2.399   1.00 0.00 ? 42 ILE A HG22 1 
ATOM 626 H HG23 . ILE A 1 42 ? 2.375   -10.865 2.670   1.00 0.00 ? 42 ILE A HG23 1 
ATOM 627 H HD11 . ILE A 1 42 ? -0.702  -8.901  5.412   1.00 0.00 ? 42 ILE A HD11 1 
ATOM 628 H HD12 . ILE A 1 42 ? 0.715   -8.139  4.710   1.00 0.00 ? 42 ILE A HD12 1 
ATOM 629 H HD13 . ILE A 1 42 ? -0.864  -7.852  4.013   1.00 0.00 ? 42 ILE A HD13 1 
ATOM 630 N N    . SER A 1 43 ? -1.974  -12.357 3.625   1.00 0.00 ? 43 SER A N    1 
ATOM 631 C CA   . SER A 1 43 ? -2.818  -13.110 2.652   1.00 0.00 ? 43 SER A CA   1 
ATOM 632 C C    . SER A 1 43 ? -2.120  -13.031 1.279   1.00 0.00 ? 43 SER A C    1 
ATOM 633 O O    . SER A 1 43 ? -1.201  -12.250 1.117   1.00 0.00 ? 43 SER A O    1 
ATOM 634 C CB   . SER A 1 43 ? -4.202  -12.449 2.614   1.00 0.00 ? 43 SER A CB   1 
ATOM 635 O OG   . SER A 1 43 ? -4.645  -12.482 3.966   1.00 0.00 ? 43 SER A OG   1 
ATOM 636 H H    . SER A 1 43 ? -2.302  -11.527 4.027   1.00 0.00 ? 43 SER A H    1 
ATOM 637 H HA   . SER A 1 43 ? -2.889  -14.144 2.959   1.00 0.00 ? 43 SER A HA   1 
ATOM 638 H HB2  . SER A 1 43 ? -4.148  -11.427 2.269   1.00 0.00 ? 43 SER A HB2  1 
ATOM 639 H HB3  . SER A 1 43 ? -4.889  -13.013 2.005   1.00 0.00 ? 43 SER A HB3  1 
ATOM 640 H HG   . SER A 1 43 ? -4.810  -11.580 4.252   1.00 0.00 ? 43 SER A HG   1 
ATOM 641 N N    . GLU A 1 44 ? -2.568  -13.841 0.350   1.00 0.00 ? 44 GLU A N    1 
ATOM 642 C CA   . GLU A 1 44 ? -1.988  -13.880 -1.036  1.00 0.00 ? 44 GLU A CA   1 
ATOM 643 C C    . GLU A 1 44 ? -1.503  -12.511 -1.563  1.00 0.00 ? 44 GLU A C    1 
ATOM 644 O O    . GLU A 1 44 ? -2.078  -11.490 -1.242  1.00 0.00 ? 44 GLU A O    1 
ATOM 645 C CB   . GLU A 1 44 ? -3.056  -14.460 -1.993  1.00 0.00 ? 44 GLU A CB   1 
ATOM 646 C CG   . GLU A 1 44 ? -3.435  -15.915 -1.565  1.00 0.00 ? 44 GLU A CG   1 
ATOM 647 C CD   . GLU A 1 44 ? -4.500  -16.576 -2.475  1.00 0.00 ? 44 GLU A CD   1 
ATOM 648 O OE1  . GLU A 1 44 ? -4.934  -15.951 -3.431  1.00 0.00 ? 44 GLU A OE1  1 
ATOM 649 O OE2  . GLU A 1 44 ? -4.828  -17.707 -2.148  1.00 0.00 ? 44 GLU A OE2  1 
ATOM 650 H H    . GLU A 1 44 ? -3.310  -14.439 0.566   1.00 0.00 ? 44 GLU A H    1 
ATOM 651 H HA   . GLU A 1 44 ? -1.141  -14.550 -1.013  1.00 0.00 ? 44 GLU A HA   1 
ATOM 652 H HB2  . GLU A 1 44 ? -3.937  -13.834 -1.995  1.00 0.00 ? 44 GLU A HB2  1 
ATOM 653 H HB3  . GLU A 1 44 ? -2.652  -14.486 -2.991  1.00 0.00 ? 44 GLU A HB3  1 
ATOM 654 H HG2  . GLU A 1 44 ? -2.549  -16.534 -1.585  1.00 0.00 ? 44 GLU A HG2  1 
ATOM 655 H HG3  . GLU A 1 44 ? -3.821  -15.908 -0.557  1.00 0.00 ? 44 GLU A HG3  1 
ATOM 656 N N    . GLU A 1 45 ? -0.471  -12.563 -2.371  1.00 0.00 ? 45 GLU A N    1 
ATOM 657 C CA   . GLU A 1 45 ? 0.171   -11.356 -3.000  1.00 0.00 ? 45 GLU A CA   1 
ATOM 658 C C    . GLU A 1 45 ? 0.139   -10.067 -2.146  1.00 0.00 ? 45 GLU A C    1 
ATOM 659 O O    . GLU A 1 45 ? -0.856  -9.366  -2.112  1.00 0.00 ? 45 GLU A O    1 
ATOM 660 C CB   . GLU A 1 45 ? -0.531  -11.089 -4.347  1.00 0.00 ? 45 GLU A CB   1 
ATOM 661 C CG   . GLU A 1 45 ? -0.444  -12.354 -5.240  1.00 0.00 ? 45 GLU A CG   1 
ATOM 662 C CD   . GLU A 1 45 ? -1.140  -12.184 -6.611  1.00 0.00 ? 45 GLU A CD   1 
ATOM 663 O OE1  . GLU A 1 45 ? -1.630  -11.102 -6.901  1.00 0.00 ? 45 GLU A OE1  1 
ATOM 664 O OE2  . GLU A 1 45 ? -1.140  -13.184 -7.312  1.00 0.00 ? 45 GLU A OE2  1 
ATOM 665 H H    . GLU A 1 45 ? -0.094  -13.442 -2.578  1.00 0.00 ? 45 GLU A H    1 
ATOM 666 H HA   . GLU A 1 45 ? 1.206   -11.601 -3.192  1.00 0.00 ? 45 GLU A HA   1 
ATOM 667 H HB2  . GLU A 1 45 ? -1.567  -10.829 -4.176  1.00 0.00 ? 45 GLU A HB2  1 
ATOM 668 H HB3  . GLU A 1 45 ? -0.045  -10.264 -4.847  1.00 0.00 ? 45 GLU A HB3  1 
ATOM 669 H HG2  . GLU A 1 45 ? 0.594   -12.600 -5.414  1.00 0.00 ? 45 GLU A HG2  1 
ATOM 670 H HG3  . GLU A 1 45 ? -0.911  -13.185 -4.731  1.00 0.00 ? 45 GLU A HG3  1 
ATOM 671 N N    . ASN A 1 46 ? 1.237   -9.785  -1.482  1.00 0.00 ? 46 ASN A N    1 
ATOM 672 C CA   . ASN A 1 46 ? 1.283   -8.553  -0.631  1.00 0.00 ? 46 ASN A CA   1 
ATOM 673 C C    . ASN A 1 46 ? 1.602   -7.284  -1.447  1.00 0.00 ? 46 ASN A C    1 
ATOM 674 O O    . ASN A 1 46 ? 2.692   -6.749  -1.402  1.00 0.00 ? 46 ASN A O    1 
ATOM 675 C CB   . ASN A 1 46 ? 2.354   -8.744  0.487   1.00 0.00 ? 46 ASN A CB   1 
ATOM 676 C CG   . ASN A 1 46 ? 3.710   -9.261  -0.033  1.00 0.00 ? 46 ASN A CG   1 
ATOM 677 O OD1  . ASN A 1 46 ? 4.254   -8.792  -1.013  1.00 0.00 ? 46 ASN A OD1  1 
ATOM 678 N ND2  . ASN A 1 46 ? 4.295   -10.235 0.612   1.00 0.00 ? 46 ASN A ND2  1 
ATOM 679 H H    . ASN A 1 46 ? 2.017   -10.376 -1.542  1.00 0.00 ? 46 ASN A H    1 
ATOM 680 H HA   . ASN A 1 46 ? 0.331   -8.432  -0.136  1.00 0.00 ? 46 ASN A HA   1 
ATOM 681 H HB2  . ASN A 1 46 ? 2.524   -7.806  0.996   1.00 0.00 ? 46 ASN A HB2  1 
ATOM 682 H HB3  . ASN A 1 46 ? 1.978   -9.450  1.204   1.00 0.00 ? 46 ASN A HB3  1 
ATOM 683 H HD21 . ASN A 1 46 ? 3.869   -10.620 1.407   1.00 0.00 ? 46 ASN A HD21 1 
ATOM 684 H HD22 . ASN A 1 46 ? 5.158   -10.580 0.301   1.00 0.00 ? 46 ASN A HD22 1 
ATOM 685 N N    . GLU A 1 47 ? 0.605   -6.840  -2.174  1.00 0.00 ? 47 GLU A N    1 
ATOM 686 C CA   . GLU A 1 47 ? 0.759   -5.615  -3.017  1.00 0.00 ? 47 GLU A CA   1 
ATOM 687 C C    . GLU A 1 47 ? -0.550  -4.829  -3.127  1.00 0.00 ? 47 GLU A C    1 
ATOM 688 O O    . GLU A 1 47 ? -1.630  -5.379  -3.032  1.00 0.00 ? 47 GLU A O    1 
ATOM 689 C CB   . GLU A 1 47 ? 1.242   -6.033  -4.432  1.00 0.00 ? 47 GLU A CB   1 
ATOM 690 C CG   . GLU A 1 47 ? 1.887   -4.825  -5.169  1.00 0.00 ? 47 GLU A CG   1 
ATOM 691 C CD   . GLU A 1 47 ? 2.307   -5.228  -6.594  1.00 0.00 ? 47 GLU A CD   1 
ATOM 692 O OE1  . GLU A 1 47 ? 1.408   -5.524  -7.367  1.00 0.00 ? 47 GLU A OE1  1 
ATOM 693 O OE2  . GLU A 1 47 ? 3.502   -5.219  -6.838  1.00 0.00 ? 47 GLU A OE2  1 
ATOM 694 H H    . GLU A 1 47 ? -0.250  -7.317  -2.167  1.00 0.00 ? 47 GLU A H    1 
ATOM 695 H HA   . GLU A 1 47 ? 1.479   -4.965  -2.555  1.00 0.00 ? 47 GLU A HA   1 
ATOM 696 H HB2  . GLU A 1 47 ? 1.978   -6.819  -4.338  1.00 0.00 ? 47 GLU A HB2  1 
ATOM 697 H HB3  . GLU A 1 47 ? 0.409   -6.413  -5.007  1.00 0.00 ? 47 GLU A HB3  1 
ATOM 698 H HG2  . GLU A 1 47 ? 1.189   -4.003  -5.243  1.00 0.00 ? 47 GLU A HG2  1 
ATOM 699 H HG3  . GLU A 1 47 ? 2.763   -4.494  -4.628  1.00 0.00 ? 47 GLU A HG3  1 
ATOM 700 N N    . THR A 1 48 ? -0.381  -3.547  -3.319  1.00 0.00 ? 48 THR A N    1 
ATOM 701 C CA   . THR A 1 48 ? -1.518  -2.595  -3.466  1.00 0.00 ? 48 THR A CA   1 
ATOM 702 C C    . THR A 1 48 ? -1.165  -1.710  -4.668  1.00 0.00 ? 48 THR A C    1 
ATOM 703 O O    . THR A 1 48 ? -0.025  -1.319  -4.833  1.00 0.00 ? 48 THR A O    1 
ATOM 704 C CB   . THR A 1 48 ? -1.660  -1.760  -2.163  1.00 0.00 ? 48 THR A CB   1 
ATOM 705 O OG1  . THR A 1 48 ? -2.758  -0.896  -2.427  1.00 0.00 ? 48 THR A OG1  1 
ATOM 706 C CG2  . THR A 1 48 ? -0.473  -0.807  -1.899  1.00 0.00 ? 48 THR A CG2  1 
ATOM 707 H H    . THR A 1 48 ? 0.532   -3.205  -3.368  1.00 0.00 ? 48 THR A H    1 
ATOM 708 H HA   . THR A 1 48 ? -2.427  -3.141  -3.679  1.00 0.00 ? 48 THR A HA   1 
ATOM 709 H HB   . THR A 1 48 ? -1.882  -2.383  -1.308  1.00 0.00 ? 48 THR A HB   1 
ATOM 710 H HG1  . THR A 1 48 ? -3.465  -1.116  -1.817  1.00 0.00 ? 48 THR A HG1  1 
ATOM 711 H HG21 . THR A 1 48 ? -0.362  -0.094  -2.702  1.00 0.00 ? 48 THR A HG21 1 
ATOM 712 H HG22 . THR A 1 48 ? -0.642  -0.261  -0.983  1.00 0.00 ? 48 THR A HG22 1 
ATOM 713 H HG23 . THR A 1 48 ? 0.444   -1.370  -1.804  1.00 0.00 ? 48 THR A HG23 1 
ATOM 714 N N    . THR A 1 49 ? -2.155  -1.416  -5.466  1.00 0.00 ? 49 THR A N    1 
ATOM 715 C CA   . THR A 1 49 ? -1.943  -0.564  -6.678  1.00 0.00 ? 49 THR A CA   1 
ATOM 716 C C    . THR A 1 49 ? -2.868  0.646   -6.636  1.00 0.00 ? 49 THR A C    1 
ATOM 717 O O    . THR A 1 49 ? -3.880  0.625   -5.963  1.00 0.00 ? 49 THR A O    1 
ATOM 718 C CB   . THR A 1 49 ? -2.233  -1.429  -7.918  1.00 0.00 ? 49 THR A CB   1 
ATOM 719 O OG1  . THR A 1 49 ? -1.235  -2.443  -7.878  1.00 0.00 ? 49 THR A OG1  1 
ATOM 720 C CG2  . THR A 1 49 ? -2.011  -0.676  -9.252  1.00 0.00 ? 49 THR A CG2  1 
ATOM 721 H H    . THR A 1 49 ? -3.050  -1.760  -5.263  1.00 0.00 ? 49 THR A H    1 
ATOM 722 H HA   . THR A 1 49 ? -0.920  -0.217  -6.705  1.00 0.00 ? 49 THR A HA   1 
ATOM 723 H HB   . THR A 1 49 ? -3.217  -1.878  -7.863  1.00 0.00 ? 49 THR A HB   1 
ATOM 724 H HG1  . THR A 1 49 ? -0.699  -2.387  -8.672  1.00 0.00 ? 49 THR A HG1  1 
ATOM 725 H HG21 . THR A 1 49 ? -0.993  -0.327  -9.334  1.00 0.00 ? 49 THR A HG21 1 
ATOM 726 H HG22 . THR A 1 49 ? -2.217  -1.339  -10.078 1.00 0.00 ? 49 THR A HG22 1 
ATOM 727 H HG23 . THR A 1 49 ? -2.674  0.171   -9.325  1.00 0.00 ? 49 THR A HG23 1 
ATOM 728 N N    . CYS A 1 50 ? -2.477  1.662   -7.364  1.00 0.00 ? 50 CYS A N    1 
ATOM 729 C CA   . CYS A 1 50 ? -3.284  2.915   -7.432  1.00 0.00 ? 50 CYS A CA   1 
ATOM 730 C C    . CYS A 1 50 ? -3.910  3.116   -8.817  1.00 0.00 ? 50 CYS A C    1 
ATOM 731 O O    . CYS A 1 50 ? -3.291  2.914   -9.843  1.00 0.00 ? 50 CYS A O    1 
ATOM 732 C CB   . CYS A 1 50 ? -2.408  4.128   -7.132  1.00 0.00 ? 50 CYS A CB   1 
ATOM 733 S SG   . CYS A 1 50 ? -3.168  5.747   -7.418  1.00 0.00 ? 50 CYS A SG   1 
ATOM 734 H H    . CYS A 1 50 ? -1.633  1.591   -7.854  1.00 0.00 ? 50 CYS A H    1 
ATOM 735 H HA   . CYS A 1 50 ? -4.077  2.865   -6.703  1.00 0.00 ? 50 CYS A HA   1 
ATOM 736 H HB2  . CYS A 1 50 ? -2.109  4.091   -6.097  1.00 0.00 ? 50 CYS A HB2  1 
ATOM 737 H HB3  . CYS A 1 50 ? -1.505  4.079   -7.723  1.00 0.00 ? 50 CYS A HB3  1 
ATOM 738 N N    . TYR A 1 51 ? -5.143  3.530   -8.736  1.00 0.00 ? 51 TYR A N    1 
ATOM 739 C CA   . TYR A 1 51 ? -6.029  3.822   -9.900  1.00 0.00 ? 51 TYR A CA   1 
ATOM 740 C C    . TYR A 1 51 ? -6.649  5.170   -9.542  1.00 0.00 ? 51 TYR A C    1 
ATOM 741 O O    . TYR A 1 51 ? -7.008  5.338   -8.396  1.00 0.00 ? 51 TYR A O    1 
ATOM 742 C CB   . TYR A 1 51 ? -7.079  2.691   -9.995  1.00 0.00 ? 51 TYR A CB   1 
ATOM 743 C CG   . TYR A 1 51 ? -8.321  3.149   -10.777 1.00 0.00 ? 51 TYR A CG   1 
ATOM 744 C CD1  . TYR A 1 51 ? -8.276  3.336   -12.145 1.00 0.00 ? 51 TYR A CD1  1 
ATOM 745 C CD2  . TYR A 1 51 ? -9.506  3.388   -10.106 1.00 0.00 ? 51 TYR A CD2  1 
ATOM 746 C CE1  . TYR A 1 51 ? -9.400  3.753   -12.828 1.00 0.00 ? 51 TYR A CE1  1 
ATOM 747 C CE2  . TYR A 1 51 ? -10.627 3.805   -10.790 1.00 0.00 ? 51 TYR A CE2  1 
ATOM 748 C CZ   . TYR A 1 51 ? -10.583 3.989   -12.156 1.00 0.00 ? 51 TYR A CZ   1 
ATOM 749 O OH   . TYR A 1 51 ? -11.705 4.408   -12.841 1.00 0.00 ? 51 TYR A OH   1 
ATOM 750 H H    . TYR A 1 51 ? -5.504  3.673   -7.839  1.00 0.00 ? 51 TYR A H    1 
ATOM 751 H HA   . TYR A 1 51 ? -5.441  3.914   -10.803 1.00 0.00 ? 51 TYR A HA   1 
ATOM 752 H HB2  . TYR A 1 51 ? -6.649  1.840   -10.501 1.00 0.00 ? 51 TYR A HB2  1 
ATOM 753 H HB3  . TYR A 1 51 ? -7.381  2.381   -9.004  1.00 0.00 ? 51 TYR A HB3  1 
ATOM 754 H HD1  . TYR A 1 51 ? -7.358  3.155   -12.685 1.00 0.00 ? 51 TYR A HD1  1 
ATOM 755 H HD2  . TYR A 1 51 ? -9.557  3.247   -9.036  1.00 0.00 ? 51 TYR A HD2  1 
ATOM 756 H HE1  . TYR A 1 51 ? -9.354  3.895   -13.898 1.00 0.00 ? 51 TYR A HE1  1 
ATOM 757 H HE2  . TYR A 1 51 ? -11.546 3.985   -10.251 1.00 0.00 ? 51 TYR A HE2  1 
ATOM 758 H HH   . TYR A 1 51 ? -12.408 4.552   -12.205 1.00 0.00 ? 51 TYR A HH   1 
ATOM 759 N N    . MET A 1 52 ? -6.772  6.060   -10.499 1.00 0.00 ? 52 MET A N    1 
ATOM 760 C CA   . MET A 1 52 ? -7.361  7.428   -10.269 1.00 0.00 ? 52 MET A CA   1 
ATOM 761 C C    . MET A 1 52 ? -7.318  7.879   -8.783  1.00 0.00 ? 52 MET A C    1 
ATOM 762 O O    . MET A 1 52 ? -8.304  7.889   -8.073  1.00 0.00 ? 52 MET A O    1 
ATOM 763 C CB   . MET A 1 52 ? -8.822  7.430   -10.764 1.00 0.00 ? 52 MET A CB   1 
ATOM 764 C CG   . MET A 1 52 ? -8.908  7.126   -12.273 1.00 0.00 ? 52 MET A CG   1 
ATOM 765 S SD   . MET A 1 52 ? -8.348  8.411   -13.419 1.00 0.00 ? 52 MET A SD   1 
ATOM 766 C CE   . MET A 1 52 ? -9.897  9.343   -13.536 1.00 0.00 ? 52 MET A CE   1 
ATOM 767 H H    . MET A 1 52 ? -6.468  5.822   -11.399 1.00 0.00 ? 52 MET A H    1 
ATOM 768 H HA   . MET A 1 52 ? -6.791  8.138   -10.851 1.00 0.00 ? 52 MET A HA   1 
ATOM 769 H HB2  . MET A 1 52 ? -9.399  6.713   -10.205 1.00 0.00 ? 52 MET A HB2  1 
ATOM 770 H HB3  . MET A 1 52 ? -9.230  8.418   -10.597 1.00 0.00 ? 52 MET A HB3  1 
ATOM 771 H HG2  . MET A 1 52 ? -8.320  6.246   -12.483 1.00 0.00 ? 52 MET A HG2  1 
ATOM 772 H HG3  . MET A 1 52 ? -9.931  6.887   -12.519 1.00 0.00 ? 52 MET A HG3  1 
ATOM 773 H HE1  . MET A 1 52 ? -10.297 9.510   -12.546 1.00 0.00 ? 52 MET A HE1  1 
ATOM 774 H HE2  . MET A 1 52 ? -9.693  10.308  -13.978 1.00 0.00 ? 52 MET A HE2  1 
ATOM 775 H HE3  . MET A 1 52 ? -10.607 8.810   -14.151 1.00 0.00 ? 52 MET A HE3  1 
ATOM 776 N N    . GLY A 1 53 ? -6.118  8.235   -8.397  1.00 0.00 ? 53 GLY A N    1 
ATOM 777 C CA   . GLY A 1 53 ? -5.770  8.713   -7.023  1.00 0.00 ? 53 GLY A CA   1 
ATOM 778 C C    . GLY A 1 53 ? -6.404  7.980   -5.831  1.00 0.00 ? 53 GLY A C    1 
ATOM 779 O O    . GLY A 1 53 ? -6.661  8.578   -4.804  1.00 0.00 ? 53 GLY A O    1 
ATOM 780 H H    . GLY A 1 53 ? -5.394  8.189   -9.055  1.00 0.00 ? 53 GLY A H    1 
ATOM 781 H HA2  . GLY A 1 53 ? -4.701  8.675   -6.948  1.00 0.00 ? 53 GLY A HA2  1 
ATOM 782 H HA3  . GLY A 1 53 ? -6.050  9.752   -6.944  1.00 0.00 ? 53 GLY A HA3  1 
ATOM 783 N N    . LYS A 1 54 ? -6.634  6.708   -6.013  1.00 0.00 ? 54 LYS A N    1 
ATOM 784 C CA   . LYS A 1 54 ? -7.239  5.834   -4.964  1.00 0.00 ? 54 LYS A CA   1 
ATOM 785 C C    . LYS A 1 54 ? -6.409  4.542   -4.995  1.00 0.00 ? 54 LYS A C    1 
ATOM 786 O O    . LYS A 1 54 ? -5.849  4.237   -6.028  1.00 0.00 ? 54 LYS A O    1 
ATOM 787 C CB   . LYS A 1 54 ? -8.703  5.562   -5.345  1.00 0.00 ? 54 LYS A CB   1 
ATOM 788 C CG   . LYS A 1 54 ? -9.421  4.744   -4.251  1.00 0.00 ? 54 LYS A CG   1 
ATOM 789 C CD   . LYS A 1 54 ? -10.814 4.335   -4.783  1.00 0.00 ? 54 LYS A CD   1 
ATOM 790 C CE   . LYS A 1 54 ? -11.609 3.604   -3.687  1.00 0.00 ? 54 LYS A CE   1 
ATOM 791 N NZ   . LYS A 1 54 ? -11.895 4.528   -2.551  1.00 0.00 ? 54 LYS A NZ   1 
ATOM 792 H H    . LYS A 1 54 ? -6.408  6.293   -6.869  1.00 0.00 ? 54 LYS A H    1 
ATOM 793 H HA   . LYS A 1 54 ? -7.154  6.297   -3.991  1.00 0.00 ? 54 LYS A HA   1 
ATOM 794 H HB2  . LYS A 1 54 ? -9.212  6.505   -5.480  1.00 0.00 ? 54 LYS A HB2  1 
ATOM 795 H HB3  . LYS A 1 54 ? -8.732  5.027   -6.284  1.00 0.00 ? 54 LYS A HB3  1 
ATOM 796 H HG2  . LYS A 1 54 ? -8.855  3.857   -4.011  1.00 0.00 ? 54 LYS A HG2  1 
ATOM 797 H HG3  . LYS A 1 54 ? -9.524  5.344   -3.359  1.00 0.00 ? 54 LYS A HG3  1 
ATOM 798 H HD2  . LYS A 1 54 ? -11.362 5.210   -5.107  1.00 0.00 ? 54 LYS A HD2  1 
ATOM 799 H HD3  . LYS A 1 54 ? -10.694 3.674   -5.629  1.00 0.00 ? 54 LYS A HD3  1 
ATOM 800 H HE2  . LYS A 1 54 ? -12.548 3.250   -4.087  1.00 0.00 ? 54 LYS A HE2  1 
ATOM 801 H HE3  . LYS A 1 54 ? -11.048 2.760   -3.313  1.00 0.00 ? 54 LYS A HE3  1 
ATOM 802 H HZ1  . LYS A 1 54 ? -11.494 5.466   -2.754  1.00 0.00 ? 54 LYS A HZ1  1 
ATOM 803 H HZ2  . LYS A 1 54 ? -12.924 4.612   -2.428  1.00 0.00 ? 54 LYS A HZ2  1 
ATOM 804 H HZ3  . LYS A 1 54 ? -11.471 4.150   -1.681  1.00 0.00 ? 54 LYS A HZ3  1 
ATOM 805 N N    . TRP A 1 55 ? -6.347  3.811   -3.914  1.00 0.00 ? 55 TRP A N    1 
ATOM 806 C CA   . TRP A 1 55 ? -5.551  2.545   -3.913  1.00 0.00 ? 55 TRP A CA   1 
ATOM 807 C C    . TRP A 1 55 ? -6.528  1.367   -3.972  1.00 0.00 ? 55 TRP A C    1 
ATOM 808 O O    . TRP A 1 55 ? -7.727  1.569   -3.933  1.00 0.00 ? 55 TRP A O    1 
ATOM 809 C CB   . TRP A 1 55 ? -4.698  2.513   -2.639  1.00 0.00 ? 55 TRP A CB   1 
ATOM 810 C CG   . TRP A 1 55 ? -3.645  3.637   -2.734  1.00 0.00 ? 55 TRP A CG   1 
ATOM 811 C CD1  . TRP A 1 55 ? -3.819  4.922   -2.309  1.00 0.00 ? 55 TRP A CD1  1 
ATOM 812 C CD2  . TRP A 1 55 ? -2.405  3.515   -3.267  1.00 0.00 ? 55 TRP A CD2  1 
ATOM 813 N NE1  . TRP A 1 55 ? -2.670  5.495   -2.614  1.00 0.00 ? 55 TRP A NE1  1 
ATOM 814 C CE2  . TRP A 1 55 ? -1.758  4.731   -3.192  1.00 0.00 ? 55 TRP A CE2  1 
ATOM 815 C CE3  . TRP A 1 55 ? -1.752  2.432   -3.835  1.00 0.00 ? 55 TRP A CE3  1 
ATOM 816 C CZ2  . TRP A 1 55 ? -0.474  4.874   -3.675  1.00 0.00 ? 55 TRP A CZ2  1 
ATOM 817 C CZ3  . TRP A 1 55 ? -0.467  2.575   -4.321  1.00 0.00 ? 55 TRP A CZ3  1 
ATOM 818 C CH2  . TRP A 1 55 ? 0.173   3.797   -4.241  1.00 0.00 ? 55 TRP A CH2  1 
ATOM 819 H H    . TRP A 1 55 ? -6.813  4.078   -3.096  1.00 0.00 ? 55 TRP A H    1 
ATOM 820 H HA   . TRP A 1 55 ? -4.898  2.501   -4.769  1.00 0.00 ? 55 TRP A HA   1 
ATOM 821 H HB2  . TRP A 1 55 ? -5.313  2.673   -1.766  1.00 0.00 ? 55 TRP A HB2  1 
ATOM 822 H HB3  . TRP A 1 55 ? -4.205  1.561   -2.548  1.00 0.00 ? 55 TRP A HB3  1 
ATOM 823 H HD1  . TRP A 1 55 ? -4.685  5.364   -1.837  1.00 0.00 ? 55 TRP A HD1  1 
ATOM 824 H HE1  . TRP A 1 55 ? -2.494  6.442   -2.425  1.00 0.00 ? 55 TRP A HE1  1 
ATOM 825 H HE3  . TRP A 1 55 ? -2.246  1.472   -3.900  1.00 0.00 ? 55 TRP A HE3  1 
ATOM 826 H HZ2  . TRP A 1 55 ? 0.024   5.830   -3.609  1.00 0.00 ? 55 TRP A HZ2  1 
ATOM 827 H HZ3  . TRP A 1 55 ? 0.037   1.730   -4.766  1.00 0.00 ? 55 TRP A HZ3  1 
ATOM 828 H HH2  . TRP A 1 55 ? 1.177   3.913   -4.620  1.00 0.00 ? 55 TRP A HH2  1 
ATOM 829 N N    . SER A 1 56 ? -5.997  0.172   -4.065  1.00 0.00 ? 56 SER A N    1 
ATOM 830 C CA   . SER A 1 56 ? -6.873  -1.039  -4.137  1.00 0.00 ? 56 SER A CA   1 
ATOM 831 C C    . SER A 1 56 ? -6.826  -1.879  -2.855  1.00 0.00 ? 56 SER A C    1 
ATOM 832 O O    . SER A 1 56 ? -5.795  -1.993  -2.221  1.00 0.00 ? 56 SER A O    1 
ATOM 833 C CB   . SER A 1 56 ? -6.412  -1.895  -5.332  1.00 0.00 ? 56 SER A CB   1 
ATOM 834 O OG   . SER A 1 56 ? -7.393  -2.919  -5.425  1.00 0.00 ? 56 SER A OG   1 
ATOM 835 H H    . SER A 1 56 ? -5.024  0.075   -4.090  1.00 0.00 ? 56 SER A H    1 
ATOM 836 H HA   . SER A 1 56 ? -7.896  -0.736  -4.307  1.00 0.00 ? 56 SER A HA   1 
ATOM 837 H HB2  . SER A 1 56 ? -6.382  -1.335  -6.255  1.00 0.00 ? 56 SER A HB2  1 
ATOM 838 H HB3  . SER A 1 56 ? -5.445  -2.345  -5.152  1.00 0.00 ? 56 SER A HB3  1 
ATOM 839 H HG   . SER A 1 56 ? -6.962  -3.761  -5.262  1.00 0.00 ? 56 SER A HG   1 
ATOM 840 N N    . SER A 1 57 ? -7.987  -2.419  -2.557  1.00 0.00 ? 57 SER A N    1 
ATOM 841 C CA   . SER A 1 57 ? -8.256  -3.295  -1.369  1.00 0.00 ? 57 SER A CA   1 
ATOM 842 C C    . SER A 1 57 ? -7.001  -4.009  -0.817  1.00 0.00 ? 57 SER A C    1 
ATOM 843 O O    . SER A 1 57 ? -6.727  -5.123  -1.220  1.00 0.00 ? 57 SER A O    1 
ATOM 844 C CB   . SER A 1 57 ? -9.325  -4.335  -1.781  1.00 0.00 ? 57 SER A CB   1 
ATOM 845 O OG   . SER A 1 57 ? -10.462 -3.559  -2.130  1.00 0.00 ? 57 SER A OG   1 
ATOM 846 H H    . SER A 1 57 ? -8.738  -2.235  -3.159  1.00 0.00 ? 57 SER A H    1 
ATOM 847 H HA   . SER A 1 57 ? -8.683  -2.682  -0.593  1.00 0.00 ? 57 SER A HA   1 
ATOM 848 H HB2  . SER A 1 57 ? -9.015  -4.913  -2.638  1.00 0.00 ? 57 SER A HB2  1 
ATOM 849 H HB3  . SER A 1 57 ? -9.578  -4.991  -0.963  1.00 0.00 ? 57 SER A HB3  1 
ATOM 850 H HG   . SER A 1 57 ? -11.205 -3.865  -1.604  1.00 0.00 ? 57 SER A HG   1 
ATOM 851 N N    . PRO A 1 58 ? -6.265  -3.376  0.074   1.00 0.00 ? 58 PRO A N    1 
ATOM 852 C CA   . PRO A 1 58 ? -4.916  -3.860  0.483   1.00 0.00 ? 58 PRO A CA   1 
ATOM 853 C C    . PRO A 1 58 ? -5.052  -5.242  1.157   1.00 0.00 ? 58 PRO A C    1 
ATOM 854 O O    . PRO A 1 58 ? -6.109  -5.551  1.676   1.00 0.00 ? 58 PRO A O    1 
ATOM 855 C CB   . PRO A 1 58 ? -4.407  -2.751  1.412   1.00 0.00 ? 58 PRO A CB   1 
ATOM 856 C CG   . PRO A 1 58 ? -5.723  -2.216  2.032   1.00 0.00 ? 58 PRO A CG   1 
ATOM 857 C CD   . PRO A 1 58 ? -6.645  -2.138  0.813   1.00 0.00 ? 58 PRO A CD   1 
ATOM 858 H HA   . PRO A 1 58 ? -4.296  -3.938  -0.397  1.00 0.00 ? 58 PRO A HA   1 
ATOM 859 H HB2  . PRO A 1 58 ? -3.744  -3.131  2.173   1.00 0.00 ? 58 PRO A HB2  1 
ATOM 860 H HB3  . PRO A 1 58 ? -3.910  -1.973  0.850   1.00 0.00 ? 58 PRO A HB3  1 
ATOM 861 H HG2  . PRO A 1 58 ? -6.123  -2.899  2.767   1.00 0.00 ? 58 PRO A HG2  1 
ATOM 862 H HG3  . PRO A 1 58 ? -5.589  -1.240  2.474   1.00 0.00 ? 58 PRO A HG3  1 
ATOM 863 H HD2  . PRO A 1 58 ? -7.675  -2.182  1.131   1.00 0.00 ? 58 PRO A HD2  1 
ATOM 864 H HD3  . PRO A 1 58 ? -6.450  -1.262  0.214   1.00 0.00 ? 58 PRO A HD3  1 
ATOM 865 N N    . PRO A 1 59 ? -4.007  -6.039  1.145   1.00 0.00 ? 59 PRO A N    1 
ATOM 866 C CA   . PRO A 1 59 ? -4.016  -7.370  1.816   1.00 0.00 ? 59 PRO A CA   1 
ATOM 867 C C    . PRO A 1 59 ? -4.098  -7.144  3.329   1.00 0.00 ? 59 PRO A C    1 
ATOM 868 O O    . PRO A 1 59 ? -4.027  -6.017  3.778   1.00 0.00 ? 59 PRO A O    1 
ATOM 869 C CB   . PRO A 1 59 ? -2.717  -8.028  1.350   1.00 0.00 ? 59 PRO A CB   1 
ATOM 870 C CG   . PRO A 1 59 ? -1.782  -6.807  1.158   1.00 0.00 ? 59 PRO A CG   1 
ATOM 871 C CD   . PRO A 1 59 ? -2.694  -5.756  0.498   1.00 0.00 ? 59 PRO A CD   1 
ATOM 872 H HA   . PRO A 1 59 ? -4.873  -7.939  1.489   1.00 0.00 ? 59 PRO A HA   1 
ATOM 873 H HB2  . PRO A 1 59 ? -2.328  -8.693  2.106   1.00 0.00 ? 59 PRO A HB2  1 
ATOM 874 H HB3  . PRO A 1 59 ? -2.859  -8.568  0.425   1.00 0.00 ? 59 PRO A HB3  1 
ATOM 875 H HG2  . PRO A 1 59 ? -1.385  -6.457  2.098   1.00 0.00 ? 59 PRO A HG2  1 
ATOM 876 H HG3  . PRO A 1 59 ? -0.971  -7.045  0.493   1.00 0.00 ? 59 PRO A HG3  1 
ATOM 877 H HD2  . PRO A 1 59 ? -2.372  -4.754  0.738   1.00 0.00 ? 59 PRO A HD2  1 
ATOM 878 H HD3  . PRO A 1 59 ? -2.769  -5.888  -0.571  1.00 0.00 ? 59 PRO A HD3  1 
ATOM 879 N N    . GLN A 1 60 ? -4.253  -8.204  4.073   1.00 0.00 ? 60 GLN A N    1 
ATOM 880 C CA   . GLN A 1 60 ? -4.335  -8.054  5.558   1.00 0.00 ? 60 GLN A CA   1 
ATOM 881 C C    . GLN A 1 60 ? -3.343  -9.040  6.177   1.00 0.00 ? 60 GLN A C    1 
ATOM 882 O O    . GLN A 1 60 ? -2.921  -9.978  5.528   1.00 0.00 ? 60 GLN A O    1 
ATOM 883 C CB   . GLN A 1 60 ? -5.785  -8.348  5.991   1.00 0.00 ? 60 GLN A CB   1 
ATOM 884 C CG   . GLN A 1 60 ? -5.978  -7.972  7.479   1.00 0.00 ? 60 GLN A CG   1 
ATOM 885 C CD   . GLN A 1 60 ? -7.393  -8.358  7.917   1.00 0.00 ? 60 GLN A CD   1 
ATOM 886 O OE1  . GLN A 1 60 ? -8.376  -7.866  7.401   1.00 0.00 ? 60 GLN A OE1  1 
ATOM 887 N NE2  . GLN A 1 60 ? -7.534  -9.238  8.870   1.00 0.00 ? 60 GLN A NE2  1 
ATOM 888 H H    . GLN A 1 60 ? -4.312  -9.090  3.659   1.00 0.00 ? 60 GLN A H    1 
ATOM 889 H HA   . GLN A 1 60 ? -4.051  -7.054  5.851   1.00 0.00 ? 60 GLN A HA   1 
ATOM 890 H HB2  . GLN A 1 60 ? -6.452  -7.746  5.391   1.00 0.00 ? 60 GLN A HB2  1 
ATOM 891 H HB3  . GLN A 1 60 ? -6.028  -9.387  5.825   1.00 0.00 ? 60 GLN A HB3  1 
ATOM 892 H HG2  . GLN A 1 60 ? -5.272  -8.483  8.114   1.00 0.00 ? 60 GLN A HG2  1 
ATOM 893 H HG3  . GLN A 1 60 ? -5.852  -6.907  7.613   1.00 0.00 ? 60 GLN A HG3  1 
ATOM 894 H HE21 . GLN A 1 60 ? -6.740  -9.637  9.285   1.00 0.00 ? 60 GLN A HE21 1 
ATOM 895 H HE22 . GLN A 1 60 ? -8.429  -9.499  9.168   1.00 0.00 ? 60 GLN A HE22 1 
ATOM 896 N N    . CYS A 1 61 ? -3.024  -8.784  7.420   1.00 0.00 ? 61 CYS A N    1 
ATOM 897 C CA   . CYS A 1 61 ? -2.066  -9.640  8.174   1.00 0.00 ? 61 CYS A CA   1 
ATOM 898 C C    . CYS A 1 61 ? -2.834  -10.530 9.164   1.00 0.00 ? 61 CYS A C    1 
ATOM 899 O O    . CYS A 1 61 ? -3.644  -10.061 9.937   1.00 0.00 ? 61 CYS A O    1 
ATOM 900 C CB   . CYS A 1 61 ? -1.106  -8.743  8.940   1.00 0.00 ? 61 CYS A CB   1 
ATOM 901 S SG   . CYS A 1 61 ? -0.195  -7.515  7.978   1.00 0.00 ? 61 CYS A SG   1 
ATOM 902 H H    . CYS A 1 61 ? -3.418  -8.009  7.868   1.00 0.00 ? 61 CYS A H    1 
ATOM 903 H HA   . CYS A 1 61 ? -1.473  -10.238 7.489   1.00 0.00 ? 61 CYS A HA   1 
ATOM 904 H HB2  . CYS A 1 61 ? -1.651  -8.210  9.708   1.00 0.00 ? 61 CYS A HB2  1 
ATOM 905 H HB3  . CYS A 1 61 ? -0.380  -9.371  9.436   1.00 0.00 ? 61 CYS A HB3  1 
ATOM 906 N N    . GLU A 1 62 ? -2.537  -11.798 9.087   1.00 0.00 ? 62 GLU A N    1 
ATOM 907 C CA   . GLU A 1 62 ? -3.158  -12.835 9.957   1.00 0.00 ? 62 GLU A CA   1 
ATOM 908 C C    . GLU A 1 62 ? -1.959  -13.485 10.711  1.00 0.00 ? 62 GLU A C    1 
ATOM 909 O O    . GLU A 1 62 ? -1.792  -14.694 10.660  1.00 0.00 ? 62 GLU A O    1 
ATOM 910 C CB   . GLU A 1 62 ? -3.936  -13.878 9.052   1.00 0.00 ? 62 GLU A CB   1 
ATOM 911 C CG   . GLU A 1 62 ? -4.607  -13.248 7.798   1.00 0.00 ? 62 GLU A CG   1 
ATOM 912 C CD   . GLU A 1 62 ? -5.548  -12.086 8.165   1.00 0.00 ? 62 GLU A CD   1 
ATOM 913 O OE1  . GLU A 1 62 ? -6.458  -12.328 8.943   1.00 0.00 ? 62 GLU A OE1  1 
ATOM 914 O OE2  . GLU A 1 62 ? -5.307  -11.014 7.641   1.00 0.00 ? 62 GLU A OE2  1 
ATOM 915 O OXT  . GLU A 1 62 ? -1.246  -12.701 11.319  1.00 0.00 ? 62 GLU A OXT  1 
ATOM 916 H H    . GLU A 1 62 ? -1.875  -12.084 8.435   1.00 0.00 ? 62 GLU A H    1 
ATOM 917 H HA   . GLU A 1 62 ? -3.822  -12.379 10.678  1.00 0.00 ? 62 GLU A HA   1 
ATOM 918 H HB2  . GLU A 1 62 ? -3.255  -14.637 8.697   1.00 0.00 ? 62 GLU A HB2  1 
ATOM 919 H HB3  . GLU A 1 62 ? -4.691  -14.364 9.654   1.00 0.00 ? 62 GLU A HB3  1 
ATOM 920 H HG2  . GLU A 1 62 ? -3.855  -12.905 7.103   1.00 0.00 ? 62 GLU A HG2  1 
ATOM 921 H HG3  . GLU A 1 62 ? -5.194  -14.004 7.299   1.00 0.00 ? 62 GLU A HG3  1 
# 
